data_3W5M
#
_entry.id   3W5M
#
_cell.length_a   52.769
_cell.length_b   128.414
_cell.length_c   75.173
_cell.angle_alpha   90.00
_cell.angle_beta   99.34
_cell.angle_gamma   90.00
#
_symmetry.space_group_name_H-M   'P 1 21 1'
#
loop_
_entity.id
_entity.type
_entity.pdbx_description
1 polymer 'Putative rhamnosidase'
2 non-polymer 'CALCIUM ION'
3 non-polymer 2-AMINO-2-HYDROXYMETHYL-PROPANE-1,3-DIOL
4 water water
#
_entity_poly.entity_id   1
_entity_poly.type   'polypeptide(L)'
_entity_poly.pdbx_seq_one_letter_code
;MSALRVTSPSVEYVQRPLGLDAAHPRLSWPMASAAPGRRQSAYQVRVASSAAGLSHPDVWDSGKVVSDDSVLVPYAGPPL
KPRTRYFWSVRVWDADGGASEWSAPSWWETGLMGASQWSAKWISAPAPLTEAPSLEGSSWIWFPEGEPANSAPAATRWFR
RTVDLPDDITGATLAISADNVYAVSVDGAEVARTDLEADNEGWRRPAVIDVLDHVHSGNNTLAVSASNASVGPAGWICVL
VLTTASGEKKIFSDASWKSTDHEPADGWREPDFDDSGWPAAKVAAAWGAGPWGRVAPVASAANQLRHEFRLPHKKVSRAR
LYATALGLYEAHLNGRRVGRDQLAPGWTDYRKRVQYQTYDVTSSVRPGANALAAYVAPGWYAGNVGMFGPHQYGERPALL
AQLEVEYADGTSERITSGPDWRAASGPIVSADLLSGETYDARKETAGWTSPGFDDRAWLAVRGADNDVPEQIVAQVDGPV
RIAKELPARKVTEPKPGVFVLDLGQNMVGSVRLRVSGDAGTTVRLRHAEVLNPDGTIYTANLRSAAATDTYTLKGQGEET
YEPRFTFHGFRYVEVTGFPGKPSTTSVTGRVMHTSAPFTFEFETNVPMLNKLHSNITWGQRGNFLSVPTDTPARDERLGW
TGDINVFAPTAAYTMESARFLTKWLVDLRDAQTSDGAFTDVAPAVGNLGNGVAGWGDAGVTVPWALYQAYGDRQVLADAL
PSVHAWLRYLEKHSDGLLRPADGYGDWLNVSDETPKDVIATAYFAHSADLAARMATELGKDAAPYTDLFTRIRKAFQTAY
VASDGKVKGDTQSAYVLTLSMNLVPDALRKAAADRLVALIEAKDWHLSTGFLGTPRLLPVLTDTGHTDVAYRLLHQRTFP
SWGYPIDKGSTTMWERWDSIQPDGGFQTPEMNSFNHYAYGSVGEWMYANIAGIAPGRAGYRQVVIRPRPGGEVTSARATF
ASLHGPVSTRWQQRSGGFVLTCSVPPNTTAEVWIPADHPDRVQHTHGTFVRAEDGCAVFEVGSGSHRFTVKLAAALEHHH
HHH
;
_entity_poly.pdbx_strand_id   A
#
loop_
_chem_comp.id
_chem_comp.type
_chem_comp.name
_chem_comp.formula
CA non-polymer 'CALCIUM ION' 'Ca 2'
TRS non-polymer 2-AMINO-2-HYDROXYMETHYL-PROPANE-1,3-DIOL 'C4 H12 N O3 1'
#
# COMPACT_ATOMS: atom_id res chain seq x y z
N ALA A 3 -28.26 29.67 16.39
CA ALA A 3 -28.81 28.70 15.39
C ALA A 3 -27.78 27.63 14.95
N LEU A 4 -28.30 26.66 14.21
CA LEU A 4 -27.56 25.53 13.67
C LEU A 4 -27.08 25.89 12.27
N ARG A 5 -25.83 25.61 11.93
CA ARG A 5 -25.37 25.83 10.56
C ARG A 5 -24.59 24.64 10.00
N VAL A 6 -24.68 24.40 8.70
CA VAL A 6 -23.98 23.27 8.08
C VAL A 6 -22.56 23.70 7.75
N THR A 7 -21.58 22.89 8.12
CA THR A 7 -20.17 23.20 7.85
C THR A 7 -19.56 22.02 7.10
N SER A 8 -18.80 22.28 6.04
CA SER A 8 -18.04 21.22 5.34
C SER A 8 -18.91 20.07 4.83
N PRO A 9 -19.92 20.37 4.01
CA PRO A 9 -20.67 19.22 3.53
C PRO A 9 -19.82 18.37 2.55
N SER A 10 -20.12 17.08 2.47
CA SER A 10 -19.27 16.20 1.66
C SER A 10 -20.11 15.18 0.90
N VAL A 11 -19.48 14.58 -0.10
CA VAL A 11 -20.13 13.58 -0.93
C VAL A 11 -19.16 12.40 -0.99
N GLU A 12 -19.63 11.22 -0.60
CA GLU A 12 -18.74 10.07 -0.56
C GLU A 12 -17.41 10.37 0.16
N TYR A 13 -17.52 10.97 1.36
CA TYR A 13 -16.40 11.24 2.27
C TYR A 13 -15.52 12.41 1.85
N VAL A 14 -15.81 13.05 0.74
CA VAL A 14 -14.87 14.11 0.31
C VAL A 14 -15.60 15.40 -0.09
N GLN A 15 -14.90 16.53 -0.07
CA GLN A 15 -15.45 17.77 -0.56
C GLN A 15 -15.20 17.85 -2.06
N ARG A 16 -16.26 18.07 -2.83
CA ARG A 16 -16.11 18.30 -4.28
C ARG A 16 -15.39 17.19 -5.08
N PRO A 17 -15.87 15.93 -4.98
CA PRO A 17 -15.19 14.88 -5.74
C PRO A 17 -15.39 15.08 -7.22
N LEU A 18 -14.32 14.94 -7.97
CA LEU A 18 -14.33 15.09 -9.42
C LEU A 18 -14.19 13.71 -10.03
N GLY A 19 -15.21 13.26 -10.75
CA GLY A 19 -15.15 11.95 -11.43
C GLY A 19 -15.69 10.83 -10.54
N LEU A 20 -16.87 11.04 -9.99
CA LEU A 20 -17.49 10.11 -9.04
C LEU A 20 -18.56 9.33 -9.80
N ASP A 21 -18.46 8.00 -9.79
CA ASP A 21 -19.38 7.19 -10.57
C ASP A 21 -20.58 6.58 -9.83
N ALA A 22 -20.68 6.81 -8.51
CA ALA A 22 -21.80 6.29 -7.70
C ALA A 22 -23.14 6.73 -8.30
N ALA A 23 -24.08 5.78 -8.46
CA ALA A 23 -25.44 6.12 -8.90
C ALA A 23 -26.21 6.95 -7.85
N HIS A 24 -25.95 6.62 -6.59
CA HIS A 24 -26.58 7.30 -5.46
C HIS A 24 -25.53 7.79 -4.48
N PRO A 25 -24.81 8.87 -4.87
CA PRO A 25 -23.71 9.36 -4.00
C PRO A 25 -24.25 9.74 -2.62
N ARG A 26 -23.49 9.43 -1.58
CA ARG A 26 -23.95 9.64 -0.19
C ARG A 26 -23.48 10.97 0.34
N LEU A 27 -24.43 11.76 0.81
CA LEU A 27 -24.20 13.15 1.18
C LEU A 27 -24.11 13.25 2.70
N SER A 28 -23.24 14.13 3.20
CA SER A 28 -23.07 14.32 4.64
C SER A 28 -23.03 15.80 4.99
N TRP A 29 -23.61 16.16 6.13
CA TRP A 29 -23.61 17.57 6.59
C TRP A 29 -23.30 17.72 8.08
N PRO A 30 -22.00 17.74 8.43
CA PRO A 30 -21.65 18.09 9.80
C PRO A 30 -22.28 19.46 10.13
N MET A 31 -22.74 19.62 11.35
CA MET A 31 -23.34 20.90 11.75
C MET A 31 -22.58 21.51 12.93
N ALA A 32 -22.66 22.83 13.07
CA ALA A 32 -22.00 23.50 14.21
C ALA A 32 -23.00 24.40 14.91
N SER A 33 -22.89 24.48 16.23
CA SER A 33 -23.78 25.37 17.00
C SER A 33 -23.07 25.74 18.29
N ALA A 34 -23.08 27.02 18.62
CA ALA A 34 -22.57 27.49 19.91
C ALA A 34 -23.48 27.08 21.10
N ALA A 35 -24.76 26.81 20.86
CA ALA A 35 -25.70 26.35 21.88
C ALA A 35 -25.65 24.82 22.07
N PRO A 36 -25.68 24.33 23.32
CA PRO A 36 -25.65 22.89 23.58
C PRO A 36 -26.96 22.18 23.26
N GLY A 37 -26.92 20.85 23.15
CA GLY A 37 -28.10 19.98 23.10
C GLY A 37 -28.91 19.94 21.81
N ARG A 38 -28.25 20.10 20.66
CA ARG A 38 -28.92 20.22 19.35
C ARG A 38 -29.08 18.89 18.64
N ARG A 39 -30.27 18.66 18.08
CA ARG A 39 -30.56 17.49 17.29
C ARG A 39 -31.24 17.94 16.01
N GLN A 40 -31.08 17.16 14.95
CA GLN A 40 -31.79 17.40 13.71
C GLN A 40 -33.14 16.65 13.69
N SER A 41 -34.21 17.37 13.34
CA SER A 41 -35.54 16.77 13.15
C SER A 41 -35.84 16.53 11.67
N ALA A 42 -35.29 17.36 10.79
CA ALA A 42 -35.58 17.24 9.35
C ALA A 42 -34.44 17.77 8.51
N TYR A 43 -34.40 17.38 7.24
CA TYR A 43 -33.45 17.97 6.29
C TYR A 43 -34.12 18.17 4.94
N GLN A 44 -33.49 18.97 4.10
CA GLN A 44 -33.93 19.13 2.74
C GLN A 44 -32.75 19.32 1.86
N VAL A 45 -32.65 18.48 0.82
CA VAL A 45 -31.55 18.57 -0.13
C VAL A 45 -32.03 19.06 -1.48
N ARG A 46 -31.30 19.99 -2.07
CA ARG A 46 -31.57 20.38 -3.45
C ARG A 46 -30.35 20.15 -4.29
N VAL A 47 -30.58 19.74 -5.54
CA VAL A 47 -29.53 19.49 -6.51
C VAL A 47 -29.95 20.18 -7.80
N ALA A 48 -29.00 20.86 -8.44
CA ALA A 48 -29.24 21.65 -9.63
C ALA A 48 -28.02 21.70 -10.54
N SER A 49 -28.21 22.16 -11.78
CA SER A 49 -27.13 22.16 -12.77
C SER A 49 -26.21 23.38 -12.62
N SER A 50 -26.55 24.29 -11.71
CA SER A 50 -25.68 25.43 -11.41
C SER A 50 -25.90 25.88 -9.97
N ALA A 51 -24.94 26.63 -9.43
CA ALA A 51 -25.01 27.10 -8.05
C ALA A 51 -26.19 28.06 -7.86
N ALA A 52 -26.36 29.01 -8.78
CA ALA A 52 -27.48 29.97 -8.74
C ALA A 52 -28.82 29.26 -8.94
N GLY A 53 -28.81 28.22 -9.77
CA GLY A 53 -30.01 27.42 -10.02
C GLY A 53 -30.61 26.69 -8.83
N LEU A 54 -29.92 26.68 -7.68
CA LEU A 54 -30.43 25.94 -6.51
C LEU A 54 -31.75 26.48 -5.89
N SER A 55 -32.03 27.76 -6.09
CA SER A 55 -33.31 28.34 -5.63
C SER A 55 -34.52 27.85 -6.43
N HIS A 56 -34.29 27.47 -7.69
CA HIS A 56 -35.27 26.78 -8.52
C HIS A 56 -34.60 25.53 -9.11
N PRO A 57 -34.44 24.48 -8.30
CA PRO A 57 -33.60 23.31 -8.66
C PRO A 57 -34.19 22.46 -9.78
N ASP A 58 -33.38 22.20 -10.79
CA ASP A 58 -33.79 21.42 -11.95
C ASP A 58 -33.43 19.93 -11.90
N VAL A 59 -32.66 19.50 -10.88
CA VAL A 59 -32.31 18.06 -10.78
C VAL A 59 -33.15 17.37 -9.70
N TRP A 60 -33.05 17.83 -8.47
CA TRP A 60 -33.74 17.20 -7.36
C TRP A 60 -34.05 18.20 -6.26
N ASP A 61 -35.17 17.95 -5.59
CA ASP A 61 -35.52 18.63 -4.36
C ASP A 61 -36.20 17.58 -3.52
N SER A 62 -35.53 17.13 -2.45
CA SER A 62 -36.11 16.09 -1.60
C SER A 62 -37.38 16.58 -0.94
N GLY A 63 -37.59 17.90 -0.92
CA GLY A 63 -38.51 18.51 0.04
C GLY A 63 -38.07 18.26 1.48
N LYS A 64 -38.86 18.72 2.45
CA LYS A 64 -38.53 18.55 3.87
C LYS A 64 -38.72 17.09 4.30
N VAL A 65 -37.63 16.43 4.69
CA VAL A 65 -37.68 15.02 5.05
C VAL A 65 -37.48 14.89 6.55
N VAL A 66 -38.45 14.25 7.21
CA VAL A 66 -38.43 14.07 8.67
C VAL A 66 -37.49 12.90 8.99
N SER A 67 -36.36 13.21 9.61
CA SER A 67 -35.27 12.26 9.82
C SER A 67 -34.20 12.93 10.67
N ASP A 68 -33.52 12.16 11.50
CA ASP A 68 -32.33 12.67 12.19
C ASP A 68 -31.03 12.25 11.49
N ASP A 69 -31.13 11.71 10.28
CA ASP A 69 -29.93 11.29 9.52
C ASP A 69 -29.20 12.51 8.95
N SER A 70 -27.91 12.59 9.22
CA SER A 70 -27.12 13.73 8.71
C SER A 70 -25.79 13.30 8.09
N VAL A 71 -25.57 11.99 8.04
CA VAL A 71 -24.32 11.43 7.55
C VAL A 71 -24.62 10.29 6.58
N LEU A 72 -24.00 10.35 5.42
CA LEU A 72 -24.07 9.30 4.36
C LEU A 72 -25.51 9.07 3.87
N VAL A 73 -26.23 10.16 3.65
CA VAL A 73 -27.60 10.10 3.13
C VAL A 73 -27.54 9.96 1.61
N PRO A 74 -28.10 8.86 1.05
CA PRO A 74 -27.98 8.65 -0.39
C PRO A 74 -28.81 9.60 -1.22
N TYR A 75 -28.17 10.16 -2.23
CA TYR A 75 -28.91 10.83 -3.31
C TYR A 75 -30.08 9.97 -3.76
N ALA A 76 -31.27 10.55 -3.82
CA ALA A 76 -32.46 9.77 -4.25
C ALA A 76 -33.33 10.52 -5.23
N GLY A 77 -32.69 11.31 -6.10
CA GLY A 77 -33.40 11.95 -7.20
C GLY A 77 -33.31 11.16 -8.49
N PRO A 78 -33.59 11.83 -9.63
CA PRO A 78 -33.60 11.20 -10.95
C PRO A 78 -32.20 10.68 -11.33
N PRO A 79 -32.13 9.64 -12.19
CA PRO A 79 -30.82 9.05 -12.53
C PRO A 79 -29.80 10.09 -12.97
N LEU A 80 -28.59 10.01 -12.41
CA LEU A 80 -27.50 10.91 -12.83
C LEU A 80 -26.93 10.56 -14.20
N LYS A 81 -26.49 11.59 -14.93
CA LYS A 81 -25.87 11.47 -16.24
C LYS A 81 -24.35 11.52 -16.07
N PRO A 82 -23.61 10.92 -17.02
CA PRO A 82 -22.14 10.98 -17.03
C PRO A 82 -21.60 12.39 -17.34
N ARG A 83 -20.35 12.63 -16.92
CA ARG A 83 -19.62 13.88 -17.22
C ARG A 83 -20.35 15.14 -16.79
N THR A 84 -21.11 15.07 -15.71
CA THR A 84 -21.94 16.20 -15.32
C THR A 84 -21.64 16.71 -13.95
N ARG A 85 -21.50 18.02 -13.83
CA ARG A 85 -21.34 18.63 -12.50
C ARG A 85 -22.71 18.90 -11.85
N TYR A 86 -22.90 18.36 -10.64
CA TYR A 86 -24.12 18.55 -9.89
C TYR A 86 -23.88 19.44 -8.68
N PHE A 87 -24.61 20.55 -8.61
CA PHE A 87 -24.48 21.46 -7.49
C PHE A 87 -25.53 21.10 -6.45
N TRP A 88 -25.16 21.21 -5.19
CA TRP A 88 -26.07 20.87 -4.13
C TRP A 88 -25.92 21.72 -2.90
N SER A 89 -26.99 21.70 -2.11
CA SER A 89 -27.09 22.48 -0.93
C SER A 89 -28.07 21.74 -0.04
N VAL A 90 -27.88 21.87 1.26
CA VAL A 90 -28.80 21.28 2.23
C VAL A 90 -29.09 22.31 3.34
N ARG A 91 -30.25 22.14 3.96
CA ARG A 91 -30.61 22.90 5.16
C ARG A 91 -31.32 21.93 6.06
N VAL A 92 -31.31 22.23 7.35
CA VAL A 92 -31.90 21.33 8.32
C VAL A 92 -32.77 22.12 9.28
N TRP A 93 -33.61 21.39 9.99
CA TRP A 93 -34.44 21.90 11.06
C TRP A 93 -33.98 21.27 12.38
N ASP A 94 -33.71 22.11 13.38
CA ASP A 94 -33.37 21.63 14.72
C ASP A 94 -34.61 21.01 15.39
N ALA A 95 -34.46 20.52 16.62
CA ALA A 95 -35.56 19.84 17.32
C ALA A 95 -36.75 20.75 17.68
N ASP A 96 -36.58 22.07 17.56
CA ASP A 96 -37.67 23.01 17.79
C ASP A 96 -38.47 23.30 16.52
N GLY A 97 -37.79 23.31 15.38
CA GLY A 97 -38.42 23.51 14.08
C GLY A 97 -37.80 24.66 13.31
N GLY A 98 -36.76 25.27 13.88
CA GLY A 98 -36.06 26.35 13.20
C GLY A 98 -35.09 25.83 12.14
N ALA A 99 -35.15 26.44 10.96
CA ALA A 99 -34.35 26.03 9.82
C ALA A 99 -33.00 26.74 9.80
N SER A 100 -31.99 26.10 9.25
CA SER A 100 -30.68 26.71 9.14
C SER A 100 -30.63 27.53 7.87
N GLU A 101 -29.52 28.24 7.66
CA GLU A 101 -29.22 28.75 6.32
C GLU A 101 -29.10 27.53 5.38
N TRP A 102 -29.23 27.76 4.07
CA TRP A 102 -28.83 26.75 3.11
C TRP A 102 -27.34 26.69 3.16
N SER A 103 -26.77 25.49 3.09
CA SER A 103 -25.32 25.39 3.17
C SER A 103 -24.79 26.12 1.96
N ALA A 104 -23.61 26.71 2.07
CA ALA A 104 -22.97 27.32 0.92
C ALA A 104 -22.92 26.25 -0.20
N PRO A 105 -23.38 26.60 -1.42
CA PRO A 105 -23.44 25.59 -2.49
C PRO A 105 -22.15 24.82 -2.68
N SER A 106 -22.27 23.51 -2.92
CA SER A 106 -21.10 22.69 -3.19
C SER A 106 -21.39 21.88 -4.45
N TRP A 107 -20.50 20.97 -4.83
CA TRP A 107 -20.75 20.21 -6.04
C TRP A 107 -20.04 18.85 -6.01
N TRP A 108 -20.56 17.92 -6.81
CA TRP A 108 -19.76 16.75 -7.23
C TRP A 108 -19.89 16.63 -8.74
N GLU A 109 -18.94 15.95 -9.37
CA GLU A 109 -19.00 15.77 -10.80
C GLU A 109 -18.87 14.30 -11.14
N THR A 110 -19.81 13.79 -11.95
CA THR A 110 -19.73 12.38 -12.36
C THR A 110 -18.63 12.17 -13.36
N GLY A 111 -18.10 10.96 -13.36
CA GLY A 111 -17.21 10.54 -14.42
C GLY A 111 -17.95 9.95 -15.61
N LEU A 112 -17.30 8.99 -16.26
CA LEU A 112 -17.80 8.41 -17.50
C LEU A 112 -18.92 7.41 -17.27
N MET A 113 -19.02 6.90 -16.04
CA MET A 113 -20.09 5.99 -15.61
C MET A 113 -20.34 4.86 -16.62
N GLY A 114 -19.31 4.09 -16.93
CA GLY A 114 -19.52 2.93 -17.78
C GLY A 114 -18.63 2.88 -19.00
N ALA A 115 -18.27 1.64 -19.38
CA ALA A 115 -17.37 1.36 -20.49
C ALA A 115 -17.79 2.00 -21.79
N SER A 116 -19.10 2.11 -22.05
CA SER A 116 -19.57 2.58 -23.34
C SER A 116 -19.24 4.05 -23.59
N GLN A 117 -18.85 4.77 -22.53
CA GLN A 117 -18.56 6.18 -22.66
C GLN A 117 -17.11 6.45 -23.05
N TRP A 118 -16.30 5.38 -23.12
CA TRP A 118 -14.93 5.46 -23.62
C TRP A 118 -14.92 5.16 -25.11
N SER A 119 -14.23 6.00 -25.88
CA SER A 119 -13.92 5.63 -27.25
C SER A 119 -12.40 5.47 -27.47
N ALA A 120 -11.62 5.76 -26.44
CA ALA A 120 -10.16 5.61 -26.48
C ALA A 120 -9.76 4.14 -26.74
N LYS A 121 -8.58 3.92 -27.29
CA LYS A 121 -8.00 2.57 -27.46
C LYS A 121 -6.78 2.37 -26.56
N TRP A 122 -6.62 1.15 -26.08
CA TRP A 122 -5.42 0.80 -25.32
C TRP A 122 -4.22 0.84 -26.24
N ILE A 123 -3.16 1.55 -25.83
CA ILE A 123 -1.94 1.58 -26.62
C ILE A 123 -0.70 1.27 -25.77
N SER A 124 0.33 0.74 -26.45
CA SER A 124 1.61 0.37 -25.84
C SER A 124 2.73 0.89 -26.72
N ALA A 125 3.92 1.09 -26.15
CA ALA A 125 5.11 1.32 -26.96
C ALA A 125 5.40 0.02 -27.77
N PRO A 126 6.01 0.15 -28.97
CA PRO A 126 6.28 -1.04 -29.80
C PRO A 126 7.39 -1.93 -29.24
N ALA A 127 7.54 -3.13 -29.81
CA ALA A 127 8.44 -4.18 -29.29
C ALA A 127 9.90 -3.76 -29.05
N PRO A 128 10.49 -2.95 -29.96
CA PRO A 128 11.86 -2.49 -29.73
C PRO A 128 12.04 -1.69 -28.41
N LEU A 129 10.95 -1.13 -27.88
CA LEU A 129 11.00 -0.28 -26.68
C LEU A 129 10.53 -1.01 -25.40
N THR A 130 9.75 -2.07 -25.57
CA THR A 130 9.17 -2.77 -24.42
C THR A 130 9.75 -4.17 -24.21
N GLU A 131 10.52 -4.66 -25.17
CA GLU A 131 11.17 -5.95 -24.98
C GLU A 131 12.67 -5.79 -24.89
N ALA A 132 13.28 -6.51 -23.96
CA ALA A 132 14.73 -6.58 -23.89
C ALA A 132 15.23 -7.27 -25.15
N PRO A 133 16.45 -6.92 -25.60
CA PRO A 133 17.16 -7.71 -26.60
C PRO A 133 16.98 -9.19 -26.21
N SER A 134 16.53 -10.02 -27.15
CA SER A 134 16.14 -11.40 -26.81
C SER A 134 17.16 -12.47 -27.23
N LEU A 135 16.96 -13.67 -26.75
CA LEU A 135 17.88 -14.77 -27.01
C LEU A 135 17.48 -15.60 -28.22
N GLU A 136 16.39 -15.20 -28.88
CA GLU A 136 15.86 -15.89 -30.05
C GLU A 136 16.88 -15.88 -31.19
N GLY A 137 17.03 -17.02 -31.84
CA GLY A 137 18.07 -17.16 -32.86
C GLY A 137 19.38 -17.68 -32.30
N SER A 138 19.54 -17.72 -30.97
CA SER A 138 20.76 -18.20 -30.36
C SER A 138 20.63 -19.65 -29.93
N SER A 139 21.74 -20.21 -29.48
CA SER A 139 21.78 -21.60 -29.02
C SER A 139 22.42 -21.70 -27.67
N TRP A 140 21.92 -22.63 -26.85
CA TRP A 140 22.60 -22.99 -25.61
C TRP A 140 23.79 -23.85 -25.98
N ILE A 141 24.98 -23.48 -25.50
CA ILE A 141 26.18 -24.23 -25.84
C ILE A 141 26.90 -24.73 -24.61
N TRP A 142 27.73 -25.78 -24.81
CA TRP A 142 28.59 -26.29 -23.76
C TRP A 142 29.82 -26.88 -24.41
N PHE A 143 30.72 -27.40 -23.59
CA PHE A 143 31.81 -28.22 -24.10
C PHE A 143 31.24 -29.53 -24.73
N PRO A 144 31.88 -30.02 -25.82
CA PRO A 144 31.36 -31.23 -26.47
C PRO A 144 31.65 -32.48 -25.63
N GLU A 145 30.84 -32.66 -24.59
CA GLU A 145 30.89 -33.88 -23.76
C GLU A 145 29.44 -34.39 -23.62
N GLY A 146 29.20 -35.60 -24.09
CA GLY A 146 27.86 -36.20 -24.04
C GLY A 146 26.71 -35.33 -24.58
N GLU A 147 25.66 -35.26 -23.77
CA GLU A 147 24.41 -34.61 -24.12
C GLU A 147 24.13 -33.59 -23.01
N PRO A 148 24.74 -32.40 -23.11
CA PRO A 148 24.71 -31.49 -21.97
C PRO A 148 23.33 -31.00 -21.52
N ALA A 149 22.38 -30.93 -22.45
CA ALA A 149 21.02 -30.54 -22.11
C ALA A 149 20.37 -31.56 -21.18
N ASN A 150 20.83 -32.80 -21.26
CA ASN A 150 20.38 -33.87 -20.37
C ASN A 150 21.25 -33.96 -19.12
N SER A 151 22.56 -34.09 -19.29
CA SER A 151 23.47 -34.26 -18.16
C SER A 151 24.91 -33.87 -18.53
N ALA A 152 25.54 -33.07 -17.68
CA ALA A 152 26.94 -32.74 -17.82
C ALA A 152 27.55 -32.81 -16.42
N PRO A 153 28.90 -33.01 -16.33
CA PRO A 153 29.53 -33.04 -15.00
C PRO A 153 29.40 -31.70 -14.27
N ALA A 154 29.56 -31.71 -12.94
CA ALA A 154 29.61 -30.48 -12.16
C ALA A 154 31.02 -29.88 -12.29
N ALA A 155 31.23 -29.11 -13.34
CA ALA A 155 32.55 -28.60 -13.65
C ALA A 155 32.46 -27.24 -14.32
N THR A 156 33.62 -26.60 -14.47
CA THR A 156 33.77 -25.36 -15.22
C THR A 156 34.27 -25.67 -16.63
N ARG A 157 33.73 -24.97 -17.63
CA ARG A 157 34.22 -25.07 -19.01
C ARG A 157 34.54 -23.66 -19.51
N TRP A 158 35.43 -23.56 -20.49
CA TRP A 158 35.93 -22.28 -20.98
C TRP A 158 35.62 -22.14 -22.46
N PHE A 159 35.34 -20.92 -22.92
CA PHE A 159 34.88 -20.65 -24.27
C PHE A 159 35.49 -19.37 -24.79
N ARG A 160 35.84 -19.40 -26.08
CA ARG A 160 36.36 -18.23 -26.78
C ARG A 160 35.74 -18.06 -28.15
N ARG A 161 35.62 -16.80 -28.57
CA ARG A 161 35.27 -16.50 -29.95
CA ARG A 161 35.16 -16.45 -29.90
C ARG A 161 35.83 -15.14 -30.33
N THR A 162 36.47 -15.12 -31.48
CA THR A 162 36.93 -13.86 -32.06
C THR A 162 36.02 -13.53 -33.22
N VAL A 163 35.39 -12.35 -33.15
CA VAL A 163 34.43 -11.88 -34.17
C VAL A 163 34.81 -10.52 -34.74
N ASP A 164 34.58 -10.36 -36.04
CA ASP A 164 34.90 -9.16 -36.79
C ASP A 164 33.64 -8.30 -36.82
N LEU A 165 33.66 -7.19 -36.09
CA LEU A 165 32.46 -6.36 -35.94
C LEU A 165 32.47 -5.21 -36.96
N PRO A 166 31.27 -4.70 -37.35
CA PRO A 166 31.24 -3.71 -38.42
C PRO A 166 31.70 -2.32 -37.97
N ASP A 167 31.90 -1.45 -38.95
CA ASP A 167 32.23 -0.06 -38.68
C ASP A 167 31.05 0.74 -38.15
N ASP A 168 31.34 1.88 -37.51
CA ASP A 168 30.33 2.86 -37.13
C ASP A 168 29.28 2.31 -36.16
N ILE A 169 29.75 1.61 -35.15
CA ILE A 169 28.89 1.06 -34.13
C ILE A 169 28.39 2.19 -33.24
N THR A 170 27.06 2.33 -33.14
CA THR A 170 26.48 3.34 -32.24
C THR A 170 25.97 2.74 -30.90
N GLY A 171 25.80 1.43 -30.85
CA GLY A 171 25.26 0.79 -29.63
C GLY A 171 25.59 -0.69 -29.61
N ALA A 172 25.75 -1.24 -28.39
CA ALA A 172 26.07 -2.66 -28.26
C ALA A 172 25.48 -3.19 -26.98
N THR A 173 24.77 -4.31 -27.06
CA THR A 173 24.21 -4.93 -25.85
C THR A 173 24.50 -6.42 -25.86
N LEU A 174 24.71 -6.96 -24.66
CA LEU A 174 24.91 -8.39 -24.50
C LEU A 174 23.82 -8.94 -23.60
N ALA A 175 23.06 -9.93 -24.10
CA ALA A 175 22.10 -10.66 -23.26
C ALA A 175 22.72 -12.04 -23.07
N ILE A 176 22.71 -12.54 -21.84
CA ILE A 176 23.45 -13.76 -21.52
C ILE A 176 22.80 -14.47 -20.33
N SER A 177 22.74 -15.79 -20.40
CA SER A 177 22.26 -16.58 -19.31
C SER A 177 23.07 -17.88 -19.24
N ALA A 178 23.19 -18.48 -18.06
CA ALA A 178 23.84 -19.81 -18.01
C ALA A 178 23.20 -20.68 -16.96
N ASP A 179 23.14 -21.96 -17.28
CA ASP A 179 22.90 -23.01 -16.30
C ASP A 179 24.29 -23.60 -15.97
N ASN A 180 24.95 -23.23 -14.86
CA ASN A 180 24.40 -22.40 -13.79
C ASN A 180 24.95 -21.00 -13.64
N VAL A 181 26.23 -20.81 -13.95
CA VAL A 181 26.83 -19.47 -13.80
C VAL A 181 27.82 -19.17 -14.93
N TYR A 182 28.17 -17.89 -15.07
CA TYR A 182 29.07 -17.47 -16.15
C TYR A 182 29.95 -16.29 -15.69
N ALA A 183 31.07 -16.09 -16.39
CA ALA A 183 31.85 -14.84 -16.30
C ALA A 183 32.29 -14.53 -17.72
N VAL A 184 31.85 -13.38 -18.23
CA VAL A 184 32.13 -13.02 -19.61
C VAL A 184 33.01 -11.76 -19.70
N SER A 185 33.92 -11.78 -20.66
CA SER A 185 34.85 -10.67 -20.94
C SER A 185 34.87 -10.30 -22.41
N VAL A 186 35.23 -9.04 -22.68
CA VAL A 186 35.55 -8.58 -24.01
C VAL A 186 36.98 -8.01 -24.05
N ASP A 187 37.78 -8.48 -25.01
CA ASP A 187 39.22 -8.15 -25.16
C ASP A 187 40.00 -8.21 -23.85
N GLY A 188 39.63 -9.16 -23.00
CA GLY A 188 40.28 -9.36 -21.70
C GLY A 188 39.64 -8.62 -20.53
N ALA A 189 38.66 -7.76 -20.77
CA ALA A 189 38.03 -7.07 -19.64
C ALA A 189 36.68 -7.69 -19.31
N GLU A 190 36.50 -8.16 -18.07
CA GLU A 190 35.23 -8.75 -17.64
C GLU A 190 34.08 -7.72 -17.71
N VAL A 191 32.94 -8.12 -18.26
CA VAL A 191 31.82 -7.19 -18.37
C VAL A 191 30.60 -7.63 -17.56
N ALA A 192 30.57 -8.89 -17.13
CA ALA A 192 29.46 -9.42 -16.32
C ALA A 192 29.83 -10.80 -15.78
N ARG A 193 29.25 -11.14 -14.64
CA ARG A 193 29.35 -12.49 -14.06
C ARG A 193 28.19 -12.76 -13.12
N THR A 194 27.93 -14.05 -12.91
CA THR A 194 27.06 -14.54 -11.85
C THR A 194 27.86 -15.50 -10.99
N ASP A 195 27.43 -15.71 -9.74
CA ASP A 195 28.27 -16.46 -8.79
C ASP A 195 27.59 -17.73 -8.27
N LEU A 196 28.36 -18.82 -8.17
CA LEU A 196 27.81 -20.13 -7.80
C LEU A 196 27.06 -20.14 -6.47
N GLU A 197 27.65 -19.50 -5.46
CA GLU A 197 27.02 -19.38 -4.14
C GLU A 197 25.68 -18.62 -4.15
N ALA A 198 25.56 -17.62 -5.02
CA ALA A 198 24.35 -16.79 -5.08
C ALA A 198 23.30 -17.34 -6.05
N ASP A 199 23.65 -18.36 -6.82
CA ASP A 199 22.73 -18.89 -7.84
C ASP A 199 21.52 -19.61 -7.25
N ASN A 200 20.34 -19.18 -7.68
CA ASN A 200 19.16 -20.01 -7.53
C ASN A 200 18.35 -20.08 -8.82
N GLU A 201 18.74 -21.02 -9.69
CA GLU A 201 18.16 -21.18 -11.03
C GLU A 201 18.23 -19.86 -11.83
N GLY A 202 19.36 -19.19 -11.70
CA GLY A 202 19.66 -17.99 -12.44
C GLY A 202 19.54 -18.06 -13.95
N TRP A 203 19.59 -19.28 -14.50
CA TRP A 203 19.43 -19.45 -15.95
C TRP A 203 18.07 -18.95 -16.45
N ARG A 204 17.09 -18.93 -15.54
CA ARG A 204 15.75 -18.38 -15.82
C ARG A 204 15.73 -16.89 -16.06
N ARG A 205 16.77 -16.21 -15.61
CA ARG A 205 16.77 -14.73 -15.58
C ARG A 205 17.99 -14.17 -16.27
N PRO A 206 17.98 -14.19 -17.61
CA PRO A 206 19.08 -13.60 -18.39
C PRO A 206 19.35 -12.14 -18.02
N ALA A 207 20.61 -11.77 -18.00
CA ALA A 207 21.03 -10.38 -17.81
C ALA A 207 21.24 -9.71 -19.16
N VAL A 208 20.93 -8.42 -19.22
CA VAL A 208 21.22 -7.60 -20.39
C VAL A 208 22.20 -6.50 -19.97
N ILE A 209 23.33 -6.40 -20.66
CA ILE A 209 24.43 -5.50 -20.26
C ILE A 209 24.77 -4.60 -21.44
N ASP A 210 24.86 -3.29 -21.22
CA ASP A 210 25.40 -2.42 -22.25
C ASP A 210 26.91 -2.60 -22.31
N VAL A 211 27.46 -2.89 -23.50
CA VAL A 211 28.90 -3.17 -23.68
C VAL A 211 29.56 -2.26 -24.71
N LEU A 212 28.92 -1.14 -25.03
CA LEU A 212 29.49 -0.20 -26.00
C LEU A 212 30.91 0.23 -25.60
N ASP A 213 31.15 0.42 -24.29
CA ASP A 213 32.47 0.85 -23.75
C ASP A 213 33.60 -0.18 -23.87
N HIS A 214 33.28 -1.39 -24.36
CA HIS A 214 34.28 -2.46 -24.53
C HIS A 214 34.37 -3.04 -25.95
N VAL A 215 33.45 -2.69 -26.84
CA VAL A 215 33.52 -3.17 -28.23
C VAL A 215 34.01 -2.13 -29.23
N HIS A 216 34.54 -2.61 -30.35
CA HIS A 216 35.04 -1.74 -31.40
C HIS A 216 34.91 -2.43 -32.74
N SER A 217 35.20 -1.70 -33.81
CA SER A 217 35.15 -2.29 -35.12
C SER A 217 36.30 -3.28 -35.26
N GLY A 218 36.15 -4.24 -36.17
CA GLY A 218 37.24 -5.18 -36.42
C GLY A 218 37.14 -6.33 -35.43
N ASN A 219 38.24 -7.05 -35.27
CA ASN A 219 38.24 -8.25 -34.41
C ASN A 219 38.14 -7.93 -32.93
N ASN A 220 37.21 -8.60 -32.23
CA ASN A 220 37.02 -8.45 -30.78
C ASN A 220 37.01 -9.89 -30.29
N THR A 221 37.64 -10.14 -29.14
CA THR A 221 37.68 -11.48 -28.56
C THR A 221 36.73 -11.55 -27.38
N LEU A 222 35.77 -12.46 -27.45
CA LEU A 222 34.81 -12.69 -26.37
C LEU A 222 35.29 -13.96 -25.70
N ALA A 223 35.19 -13.99 -24.37
CA ALA A 223 35.59 -15.18 -23.63
C ALA A 223 34.65 -15.38 -22.48
N VAL A 224 34.33 -16.66 -22.21
CA VAL A 224 33.31 -16.93 -21.21
C VAL A 224 33.80 -18.13 -20.45
N SER A 225 33.77 -18.06 -19.13
CA SER A 225 33.80 -19.29 -18.29
C SER A 225 32.36 -19.57 -17.85
N ALA A 226 31.99 -20.84 -17.74
CA ALA A 226 30.67 -21.19 -17.26
C ALA A 226 30.82 -22.44 -16.42
N SER A 227 30.03 -22.54 -15.35
CA SER A 227 30.13 -23.66 -14.42
C SER A 227 28.79 -24.33 -14.22
N ASN A 228 28.81 -25.65 -14.16
CA ASN A 228 27.60 -26.41 -13.84
C ASN A 228 27.69 -26.79 -12.38
N ALA A 229 26.64 -26.52 -11.61
CA ALA A 229 26.67 -26.62 -10.14
C ALA A 229 26.57 -28.04 -9.60
N SER A 230 25.97 -28.92 -10.37
CA SER A 230 25.84 -30.31 -9.98
C SER A 230 25.62 -31.14 -11.24
N VAL A 231 25.77 -32.45 -11.12
CA VAL A 231 25.57 -33.33 -12.27
C VAL A 231 24.12 -33.19 -12.74
N GLY A 232 23.97 -32.88 -14.03
CA GLY A 232 22.69 -32.56 -14.63
C GLY A 232 22.92 -31.56 -15.74
N PRO A 233 21.85 -30.95 -16.26
CA PRO A 233 21.91 -30.06 -17.44
C PRO A 233 22.85 -28.87 -17.30
N ALA A 234 23.54 -28.55 -18.39
CA ALA A 234 24.43 -27.39 -18.42
C ALA A 234 24.36 -26.80 -19.77
N GLY A 235 24.59 -25.49 -19.82
CA GLY A 235 24.66 -24.79 -21.08
C GLY A 235 24.64 -23.30 -20.82
N TRP A 236 25.09 -22.51 -21.80
CA TRP A 236 25.00 -21.04 -21.63
C TRP A 236 24.64 -20.49 -22.99
N ILE A 237 24.03 -19.31 -23.02
CA ILE A 237 23.51 -18.77 -24.26
C ILE A 237 23.72 -17.25 -24.25
N CYS A 238 24.00 -16.65 -25.41
CA CYS A 238 24.09 -15.20 -25.45
C CYS A 238 23.72 -14.65 -26.82
N VAL A 239 23.39 -13.36 -26.86
CA VAL A 239 23.36 -12.60 -28.12
C VAL A 239 24.09 -11.28 -27.86
N LEU A 240 24.98 -10.95 -28.78
CA LEU A 240 25.61 -9.64 -28.79
C LEU A 240 24.98 -8.88 -29.94
N VAL A 241 24.24 -7.82 -29.62
CA VAL A 241 23.59 -6.98 -30.67
C VAL A 241 24.43 -5.73 -30.91
N LEU A 242 24.86 -5.52 -32.14
CA LEU A 242 25.57 -4.30 -32.47
C LEU A 242 24.66 -3.46 -33.35
N THR A 243 24.36 -2.25 -32.90
CA THR A 243 23.55 -1.32 -33.67
C THR A 243 24.44 -0.34 -34.43
N THR A 244 24.18 -0.23 -35.73
CA THR A 244 24.77 0.77 -36.63
C THR A 244 23.60 1.45 -37.37
N ALA A 245 23.85 2.57 -38.06
CA ALA A 245 22.79 3.27 -38.81
C ALA A 245 22.12 2.40 -39.90
N SER A 246 22.85 1.38 -40.37
CA SER A 246 22.33 0.43 -41.36
C SER A 246 21.79 -0.87 -40.72
N GLY A 247 21.14 -0.74 -39.56
CA GLY A 247 20.50 -1.87 -38.89
C GLY A 247 21.32 -2.56 -37.79
N GLU A 248 20.86 -3.75 -37.41
CA GLU A 248 21.49 -4.55 -36.37
C GLU A 248 22.36 -5.64 -36.97
N LYS A 249 23.42 -6.00 -36.25
CA LYS A 249 24.15 -7.24 -36.49
C LYS A 249 24.14 -8.04 -35.19
N LYS A 250 23.80 -9.33 -35.27
CA LYS A 250 23.78 -10.17 -34.07
C LYS A 250 24.86 -11.25 -34.12
N ILE A 251 25.55 -11.47 -33.00
CA ILE A 251 26.51 -12.56 -32.85
C ILE A 251 25.90 -13.50 -31.81
N PHE A 252 25.84 -14.80 -32.11
CA PHE A 252 25.23 -15.76 -31.19
C PHE A 252 26.23 -16.66 -30.52
N SER A 253 25.82 -17.29 -29.41
CA SER A 253 26.50 -18.47 -28.90
C SER A 253 26.11 -19.65 -29.84
N ASP A 254 27.12 -20.35 -30.33
CA ASP A 254 26.90 -21.39 -31.35
C ASP A 254 28.22 -22.14 -31.58
N ALA A 255 28.26 -23.05 -32.56
CA ALA A 255 29.45 -23.91 -32.78
C ALA A 255 30.66 -23.16 -33.39
N SER A 256 30.49 -21.90 -33.71
CA SER A 256 31.64 -21.05 -34.10
C SER A 256 32.55 -20.68 -32.91
N TRP A 257 32.09 -20.96 -31.68
CA TRP A 257 32.89 -20.72 -30.48
C TRP A 257 33.78 -21.92 -30.26
N LYS A 258 34.97 -21.68 -29.71
CA LYS A 258 35.87 -22.76 -29.29
C LYS A 258 35.65 -23.01 -27.82
N SER A 259 35.82 -24.25 -27.38
CA SER A 259 35.67 -24.60 -25.98
C SER A 259 36.80 -25.51 -25.47
N THR A 260 37.07 -25.46 -24.17
CA THR A 260 38.00 -26.43 -23.57
C THR A 260 37.53 -26.91 -22.22
N ASP A 261 37.93 -28.13 -21.87
CA ASP A 261 37.61 -28.73 -20.57
C ASP A 261 38.78 -28.83 -19.58
N HIS A 262 39.93 -28.23 -19.89
CA HIS A 262 41.06 -28.16 -18.94
C HIS A 262 41.33 -26.70 -18.71
N GLU A 263 41.43 -26.30 -17.45
CA GLU A 263 41.71 -24.92 -17.10
C GLU A 263 42.85 -24.33 -17.96
N PRO A 264 42.55 -23.27 -18.73
CA PRO A 264 43.61 -22.74 -19.61
C PRO A 264 44.68 -21.89 -18.87
N ALA A 265 45.81 -21.69 -19.55
CA ALA A 265 46.90 -20.83 -19.08
C ALA A 265 46.41 -19.40 -18.90
N ASP A 266 47.06 -18.60 -18.08
CA ASP A 266 46.54 -17.25 -18.06
C ASP A 266 46.86 -16.48 -19.34
N GLY A 267 45.96 -15.54 -19.67
CA GLY A 267 45.96 -14.90 -20.96
C GLY A 267 44.78 -15.38 -21.77
N TRP A 268 44.11 -16.43 -21.30
CA TRP A 268 43.08 -17.11 -22.11
C TRP A 268 41.91 -16.22 -22.48
N ARG A 269 41.75 -15.09 -21.79
CA ARG A 269 40.70 -14.14 -22.17
C ARG A 269 41.19 -13.12 -23.22
N GLU A 270 42.49 -13.12 -23.49
CA GLU A 270 43.08 -12.06 -24.35
C GLU A 270 42.99 -12.37 -25.83
N PRO A 271 43.00 -11.31 -26.67
CA PRO A 271 42.95 -11.53 -28.10
C PRO A 271 43.95 -12.54 -28.67
N ASP A 272 45.21 -12.50 -28.24
CA ASP A 272 46.25 -13.27 -28.95
C ASP A 272 46.57 -14.65 -28.40
N PHE A 273 45.69 -15.14 -27.52
CA PHE A 273 45.84 -16.45 -26.89
C PHE A 273 45.64 -17.54 -27.94
N ASP A 274 46.40 -18.64 -27.85
CA ASP A 274 46.25 -19.67 -28.86
C ASP A 274 45.17 -20.71 -28.49
N ASP A 275 44.05 -20.69 -29.20
CA ASP A 275 42.98 -21.65 -28.89
C ASP A 275 42.83 -22.57 -30.10
N SER A 276 43.86 -22.62 -30.94
CA SER A 276 43.71 -23.39 -32.17
C SER A 276 43.52 -24.90 -31.89
N GLY A 277 43.98 -25.38 -30.73
CA GLY A 277 43.80 -26.78 -30.31
C GLY A 277 42.50 -27.07 -29.55
N TRP A 278 41.68 -26.05 -29.33
CA TRP A 278 40.39 -26.20 -28.60
C TRP A 278 39.34 -26.72 -29.60
N PRO A 279 38.53 -27.73 -29.23
CA PRO A 279 37.45 -28.16 -30.11
C PRO A 279 36.35 -27.12 -30.22
N ALA A 280 35.50 -27.23 -31.24
CA ALA A 280 34.32 -26.38 -31.34
C ALA A 280 33.37 -26.65 -30.17
N ALA A 281 32.72 -25.59 -29.67
CA ALA A 281 31.64 -25.75 -28.71
C ALA A 281 30.52 -26.58 -29.35
N LYS A 282 29.78 -27.29 -28.51
CA LYS A 282 28.63 -28.08 -28.94
C LYS A 282 27.33 -27.35 -28.59
N VAL A 283 26.41 -27.32 -29.55
CA VAL A 283 25.06 -26.81 -29.26
C VAL A 283 24.38 -27.87 -28.40
N ALA A 284 23.94 -27.46 -27.21
CA ALA A 284 23.18 -28.33 -26.29
C ALA A 284 21.69 -28.34 -26.65
N ALA A 285 21.19 -27.18 -27.09
CA ALA A 285 19.78 -27.00 -27.54
C ALA A 285 19.66 -25.63 -28.17
N ALA A 286 18.81 -25.53 -29.20
CA ALA A 286 18.45 -24.23 -29.73
C ALA A 286 17.60 -23.52 -28.66
N TRP A 287 17.53 -22.20 -28.75
CA TRP A 287 16.69 -21.47 -27.82
C TRP A 287 15.26 -22.01 -27.92
N GLY A 288 14.64 -22.25 -26.77
CA GLY A 288 13.29 -22.79 -26.80
C GLY A 288 13.27 -24.28 -26.61
N ALA A 289 14.37 -24.94 -26.98
CA ALA A 289 14.55 -26.37 -26.75
C ALA A 289 15.24 -26.68 -25.44
N GLY A 290 15.56 -27.95 -25.20
CA GLY A 290 16.21 -28.38 -23.95
C GLY A 290 15.25 -28.25 -22.77
N PRO A 291 15.77 -28.37 -21.54
CA PRO A 291 14.87 -28.22 -20.39
C PRO A 291 14.56 -26.77 -20.03
N TRP A 292 15.16 -25.81 -20.75
CA TRP A 292 15.17 -24.44 -20.29
C TRP A 292 14.00 -23.57 -20.79
N GLY A 293 13.35 -24.01 -21.88
CA GLY A 293 12.20 -23.32 -22.46
C GLY A 293 12.50 -21.95 -23.03
N ARG A 294 11.45 -21.12 -23.11
CA ARG A 294 11.52 -19.86 -23.87
C ARG A 294 12.00 -18.70 -23.00
N VAL A 295 13.20 -18.85 -22.45
CA VAL A 295 13.80 -17.91 -21.51
C VAL A 295 14.01 -16.54 -22.17
N ALA A 296 13.60 -15.47 -21.49
CA ALA A 296 13.79 -14.10 -22.00
C ALA A 296 14.23 -13.12 -20.92
N PRO A 297 15.13 -12.19 -21.27
CA PRO A 297 15.48 -11.11 -20.33
C PRO A 297 14.24 -10.25 -20.12
N VAL A 298 14.14 -9.62 -18.96
CA VAL A 298 13.02 -8.75 -18.61
C VAL A 298 13.41 -7.29 -18.85
N ALA A 299 12.59 -6.54 -19.56
CA ALA A 299 12.85 -5.11 -19.71
C ALA A 299 11.74 -4.39 -18.94
N SER A 300 12.09 -3.31 -18.27
CA SER A 300 11.12 -2.62 -17.46
C SER A 300 11.15 -1.12 -17.71
N ALA A 301 11.32 -0.68 -18.96
CA ALA A 301 11.45 0.76 -19.21
C ALA A 301 10.11 1.44 -18.98
N ALA A 302 10.14 2.73 -18.62
CA ALA A 302 8.95 3.61 -18.61
C ALA A 302 9.08 4.44 -19.84
N ASN A 303 8.46 3.99 -20.93
CA ASN A 303 8.59 4.71 -22.22
C ASN A 303 7.78 5.97 -22.32
N GLN A 304 8.15 6.84 -23.27
CA GLN A 304 7.41 8.04 -23.56
C GLN A 304 6.43 7.86 -24.73
N LEU A 305 5.20 8.30 -24.56
CA LEU A 305 4.17 8.24 -25.61
C LEU A 305 3.60 9.63 -25.80
N ARG A 306 3.33 10.03 -27.05
CA ARG A 306 2.83 11.39 -27.24
C ARG A 306 2.00 11.51 -28.49
N HIS A 307 1.21 12.57 -28.52
CA HIS A 307 0.34 12.90 -29.63
C HIS A 307 0.14 14.40 -29.70
N GLU A 308 0.42 15.00 -30.87
CA GLU A 308 0.03 16.40 -31.12
C GLU A 308 -1.28 16.49 -31.88
N PHE A 309 -2.03 17.55 -31.62
CA PHE A 309 -3.33 17.78 -32.21
C PHE A 309 -3.65 19.27 -32.19
N ARG A 310 -4.58 19.66 -33.04
CA ARG A 310 -5.01 21.04 -33.18
C ARG A 310 -6.42 21.18 -32.59
N LEU A 311 -6.63 22.23 -31.82
CA LEU A 311 -7.95 22.56 -31.29
C LEU A 311 -8.44 23.87 -31.93
N PRO A 312 -9.76 24.10 -31.96
CA PRO A 312 -10.22 25.37 -32.58
C PRO A 312 -9.92 26.60 -31.73
N HIS A 313 -9.89 27.77 -32.37
CA HIS A 313 -9.79 29.04 -31.64
C HIS A 313 -11.18 29.49 -31.19
N LYS A 314 -11.68 28.84 -30.15
CA LYS A 314 -12.95 29.18 -29.53
C LYS A 314 -12.74 29.16 -28.06
N LYS A 315 -13.62 29.84 -27.34
CA LYS A 315 -13.59 29.89 -25.90
C LYS A 315 -13.91 28.50 -25.30
N VAL A 316 -13.01 27.99 -24.47
CA VAL A 316 -13.17 26.69 -23.78
C VAL A 316 -14.04 26.91 -22.56
N SER A 317 -15.07 26.08 -22.40
CA SER A 317 -15.86 26.10 -21.20
C SER A 317 -15.34 25.09 -20.18
N ARG A 318 -14.74 23.99 -20.65
CA ARG A 318 -14.30 22.92 -19.72
C ARG A 318 -13.41 21.91 -20.46
N ALA A 319 -12.41 21.35 -19.78
CA ALA A 319 -11.69 20.21 -20.36
C ALA A 319 -11.39 19.22 -19.25
N ARG A 320 -11.50 17.92 -19.59
CA ARG A 320 -11.26 16.85 -18.65
C ARG A 320 -10.38 15.84 -19.30
N LEU A 321 -9.44 15.27 -18.53
CA LEU A 321 -8.71 14.12 -19.02
C LEU A 321 -9.13 12.95 -18.13
N TYR A 322 -9.60 11.88 -18.76
CA TYR A 322 -9.84 10.59 -18.11
C TYR A 322 -8.71 9.65 -18.57
N ALA A 323 -8.06 8.97 -17.62
CA ALA A 323 -6.94 8.11 -17.98
C ALA A 323 -6.80 6.94 -17.05
N THR A 324 -6.16 5.92 -17.58
CA THR A 324 -5.76 4.77 -16.77
C THR A 324 -4.62 4.05 -17.48
N ALA A 325 -4.03 3.03 -16.84
CA ALA A 325 -2.98 2.25 -17.44
C ALA A 325 -3.07 0.82 -16.93
N LEU A 326 -2.70 -0.11 -17.77
CA LEU A 326 -2.31 -1.43 -17.30
C LEU A 326 -0.83 -1.34 -17.05
N GLY A 327 -0.47 -1.04 -15.81
CA GLY A 327 0.90 -0.53 -15.53
C GLY A 327 0.76 0.73 -14.69
N LEU A 328 1.60 1.74 -14.98
CA LEU A 328 1.50 3.01 -14.27
C LEU A 328 1.72 4.08 -15.33
N TYR A 329 1.20 5.27 -15.08
CA TYR A 329 1.38 6.36 -16.05
C TYR A 329 1.53 7.68 -15.30
N GLU A 330 2.07 8.66 -16.02
CA GLU A 330 2.04 10.06 -15.60
C GLU A 330 1.83 10.83 -16.88
N ALA A 331 0.79 11.66 -16.91
CA ALA A 331 0.41 12.37 -18.10
C ALA A 331 0.85 13.81 -18.00
N HIS A 332 1.07 14.38 -19.18
CA HIS A 332 1.51 15.75 -19.37
C HIS A 332 0.71 16.36 -20.51
N LEU A 333 0.40 17.66 -20.40
CA LEU A 333 -0.37 18.34 -21.44
C LEU A 333 0.28 19.75 -21.62
N ASN A 334 0.76 20.01 -22.82
CA ASN A 334 1.33 21.35 -23.18
C ASN A 334 2.37 21.82 -22.19
N GLY A 335 3.33 20.95 -21.93
CA GLY A 335 4.48 21.26 -21.08
C GLY A 335 4.26 21.30 -19.58
N ARG A 336 3.13 20.78 -19.11
CA ARG A 336 2.77 20.84 -17.69
C ARG A 336 2.24 19.46 -17.28
N ARG A 337 2.80 18.91 -16.21
CA ARG A 337 2.32 17.64 -15.67
C ARG A 337 0.86 17.75 -15.27
N VAL A 338 0.07 16.69 -15.51
CA VAL A 338 -1.35 16.74 -15.20
C VAL A 338 -1.53 16.12 -13.80
N GLY A 339 -2.14 16.88 -12.91
CA GLY A 339 -2.45 16.43 -11.55
C GLY A 339 -1.26 16.28 -10.62
N ARG A 340 -1.49 15.62 -9.50
CA ARG A 340 -0.46 15.44 -8.48
CA ARG A 340 -0.41 15.42 -8.54
C ARG A 340 -0.48 14.02 -7.94
N ASP A 341 -0.96 13.08 -8.74
CA ASP A 341 -1.05 11.69 -8.27
C ASP A 341 0.28 11.03 -8.51
N GLN A 342 0.57 10.00 -7.72
CA GLN A 342 1.77 9.20 -7.90
C GLN A 342 1.31 7.76 -8.11
N LEU A 343 2.07 6.99 -8.89
CA LEU A 343 1.76 5.55 -9.08
C LEU A 343 0.34 5.27 -9.54
N ALA A 344 -0.22 6.14 -10.39
CA ALA A 344 -1.59 5.98 -10.90
C ALA A 344 -1.53 4.81 -11.86
N PRO A 345 -2.57 3.96 -11.92
CA PRO A 345 -3.88 4.02 -11.35
C PRO A 345 -3.98 3.25 -10.02
N GLY A 346 -2.90 2.62 -9.58
CA GLY A 346 -2.96 1.80 -8.35
C GLY A 346 -3.15 0.33 -8.70
N TRP A 347 -3.22 -0.52 -7.66
CA TRP A 347 -3.25 -1.95 -7.82
C TRP A 347 -4.66 -2.49 -7.57
N THR A 348 -5.21 -3.09 -8.60
CA THR A 348 -6.42 -3.92 -8.50
C THR A 348 -6.16 -5.25 -9.22
N ASP A 349 -7.07 -6.23 -9.08
CA ASP A 349 -6.95 -7.39 -9.96
C ASP A 349 -7.33 -6.97 -11.38
N TYR A 350 -6.33 -6.69 -12.23
CA TYR A 350 -6.57 -6.07 -13.53
C TYR A 350 -7.42 -6.91 -14.51
N ARG A 351 -7.55 -8.20 -14.22
CA ARG A 351 -8.46 -9.06 -15.01
C ARG A 351 -9.91 -8.65 -14.73
N LYS A 352 -10.19 -8.26 -13.49
CA LYS A 352 -11.56 -7.94 -13.07
C LYS A 352 -11.88 -6.46 -13.17
N ARG A 353 -10.92 -5.61 -12.81
CA ARG A 353 -11.20 -4.17 -12.83
C ARG A 353 -9.90 -3.38 -12.90
N VAL A 354 -9.97 -2.22 -13.54
CA VAL A 354 -8.89 -1.24 -13.45
C VAL A 354 -9.56 0.09 -13.07
N GLN A 355 -8.86 0.91 -12.28
CA GLN A 355 -9.44 2.17 -11.81
C GLN A 355 -8.94 3.30 -12.71
N TYR A 356 -9.80 4.25 -13.07
CA TYR A 356 -9.37 5.42 -13.88
C TYR A 356 -9.45 6.71 -13.05
N GLN A 357 -8.69 7.70 -13.50
CA GLN A 357 -8.57 9.00 -12.82
C GLN A 357 -9.17 10.07 -13.71
N THR A 358 -9.68 11.13 -13.08
CA THR A 358 -10.29 12.27 -13.78
C THR A 358 -9.54 13.54 -13.37
N TYR A 359 -9.11 14.32 -14.36
CA TYR A 359 -8.37 15.56 -14.10
C TYR A 359 -9.03 16.73 -14.78
N ASP A 360 -9.06 17.86 -14.08
CA ASP A 360 -9.54 19.12 -14.64
C ASP A 360 -8.37 19.78 -15.36
N VAL A 361 -8.46 19.91 -16.67
CA VAL A 361 -7.37 20.49 -17.44
C VAL A 361 -7.82 21.70 -18.26
N THR A 362 -8.90 22.33 -17.83
CA THR A 362 -9.48 23.48 -18.54
C THR A 362 -8.41 24.53 -18.87
N SER A 363 -7.54 24.84 -17.91
CA SER A 363 -6.61 25.97 -18.09
C SER A 363 -5.32 25.58 -18.81
N SER A 364 -5.17 24.28 -19.10
CA SER A 364 -4.02 23.75 -19.80
C SER A 364 -4.21 23.62 -21.31
N VAL A 365 -5.45 23.56 -21.78
CA VAL A 365 -5.66 23.39 -23.23
C VAL A 365 -5.46 24.72 -23.93
N ARG A 366 -5.14 24.66 -25.22
CA ARG A 366 -4.81 25.85 -26.02
C ARG A 366 -5.60 25.89 -27.32
N PRO A 367 -5.82 27.12 -27.85
CA PRO A 367 -6.23 27.23 -29.25
C PRO A 367 -5.07 26.80 -30.12
N GLY A 368 -5.36 26.14 -31.22
CA GLY A 368 -4.30 25.72 -32.11
C GLY A 368 -3.61 24.51 -31.54
N ALA A 369 -2.27 24.54 -31.60
CA ALA A 369 -1.48 23.35 -31.40
C ALA A 369 -1.35 22.94 -29.94
N ASN A 370 -1.55 21.65 -29.72
CA ASN A 370 -1.55 21.05 -28.39
C ASN A 370 -0.74 19.76 -28.45
N ALA A 371 -0.17 19.36 -27.31
CA ALA A 371 0.48 18.05 -27.20
C ALA A 371 0.00 17.36 -25.90
N LEU A 372 -0.38 16.09 -26.03
CA LEU A 372 -0.71 15.26 -24.86
C LEU A 372 0.36 14.17 -24.82
N ALA A 373 0.85 13.83 -23.63
CA ALA A 373 2.01 12.96 -23.55
C ALA A 373 1.92 12.14 -22.26
N ALA A 374 2.56 10.98 -22.25
CA ALA A 374 2.59 10.19 -20.99
C ALA A 374 3.82 9.32 -20.88
N TYR A 375 4.30 9.11 -19.65
CA TYR A 375 5.20 8.01 -19.34
C TYR A 375 4.31 6.84 -19.02
N VAL A 376 4.72 5.67 -19.48
CA VAL A 376 3.99 4.41 -19.20
C VAL A 376 4.95 3.34 -18.69
N ALA A 377 4.74 2.84 -17.45
CA ALA A 377 5.70 1.94 -16.78
C ALA A 377 5.06 0.62 -16.38
N PRO A 378 5.86 -0.41 -16.05
CA PRO A 378 5.30 -1.74 -15.67
C PRO A 378 4.44 -1.82 -14.41
N GLY A 379 4.83 -1.16 -13.29
CA GLY A 379 4.04 -1.17 -12.05
C GLY A 379 3.75 -2.57 -11.52
N TRP A 380 2.56 -2.75 -10.97
CA TRP A 380 2.14 -4.04 -10.45
C TRP A 380 1.65 -4.93 -11.59
N TYR A 381 1.19 -4.31 -12.66
CA TYR A 381 0.67 -5.05 -13.80
C TYR A 381 1.76 -5.98 -14.43
N ALA A 382 2.97 -5.45 -14.62
CA ALA A 382 4.00 -6.17 -15.39
C ALA A 382 5.36 -6.24 -14.68
N GLY A 383 5.56 -5.48 -13.60
CA GLY A 383 6.85 -5.47 -12.93
C GLY A 383 6.90 -6.46 -11.79
N ASN A 384 8.04 -6.52 -11.08
CA ASN A 384 8.14 -7.42 -9.91
C ASN A 384 7.06 -7.16 -8.85
N VAL A 385 6.46 -8.21 -8.31
CA VAL A 385 5.40 -8.08 -7.32
C VAL A 385 5.75 -9.11 -6.25
N GLY A 386 5.84 -8.64 -5.01
CA GLY A 386 6.18 -9.50 -3.86
C GLY A 386 7.43 -10.36 -4.13
N MET A 387 7.37 -11.63 -3.74
CA MET A 387 8.49 -12.53 -3.94
C MET A 387 8.28 -13.43 -5.18
N PHE A 388 7.52 -12.91 -6.14
CA PHE A 388 6.96 -13.71 -7.23
C PHE A 388 7.45 -13.33 -8.63
N GLY A 389 8.30 -12.33 -8.72
CA GLY A 389 8.80 -11.92 -10.05
C GLY A 389 7.81 -11.09 -10.85
N PRO A 390 8.14 -10.85 -12.13
CA PRO A 390 7.43 -9.91 -13.00
C PRO A 390 6.30 -10.58 -13.78
N HIS A 391 5.59 -9.80 -14.60
CA HIS A 391 4.56 -10.28 -15.52
C HIS A 391 3.43 -11.02 -14.82
N GLN A 392 3.00 -10.52 -13.65
CA GLN A 392 1.88 -11.15 -12.94
C GLN A 392 0.57 -11.05 -13.73
N TYR A 393 0.35 -9.95 -14.46
CA TYR A 393 -0.90 -9.79 -15.19
C TYR A 393 -0.72 -9.68 -16.70
N GLY A 394 0.47 -9.27 -17.12
CA GLY A 394 0.74 -9.09 -18.55
C GLY A 394 2.21 -8.77 -18.72
N GLU A 395 2.65 -8.66 -19.98
CA GLU A 395 4.08 -8.53 -20.27
C GLU A 395 4.50 -7.09 -20.55
N ARG A 396 3.58 -6.29 -21.06
CA ARG A 396 3.89 -4.94 -21.52
C ARG A 396 2.86 -4.00 -20.97
N PRO A 397 3.29 -2.82 -20.51
CA PRO A 397 2.26 -1.88 -20.08
C PRO A 397 1.50 -1.16 -21.20
N ALA A 398 0.29 -0.75 -20.87
CA ALA A 398 -0.59 -0.09 -21.80
C ALA A 398 -1.28 1.12 -21.17
N LEU A 399 -1.57 2.09 -22.03
CA LEU A 399 -2.22 3.37 -21.65
C LEU A 399 -3.61 3.49 -22.28
N LEU A 400 -4.56 4.05 -21.53
CA LEU A 400 -5.86 4.45 -22.07
C LEU A 400 -6.08 5.90 -21.68
N ALA A 401 -6.28 6.77 -22.67
CA ALA A 401 -6.47 8.21 -22.34
C ALA A 401 -7.53 8.85 -23.24
N GLN A 402 -8.37 9.67 -22.64
CA GLN A 402 -9.45 10.38 -23.36
C GLN A 402 -9.58 11.80 -22.84
N LEU A 403 -9.23 12.75 -23.71
CA LEU A 403 -9.32 14.17 -23.38
C LEU A 403 -10.55 14.74 -24.05
N GLU A 404 -11.40 15.36 -23.25
CA GLU A 404 -12.65 15.96 -23.73
C GLU A 404 -12.65 17.45 -23.49
N VAL A 405 -12.77 18.20 -24.56
CA VAL A 405 -12.83 19.66 -24.45
C VAL A 405 -14.21 20.13 -24.90
N GLU A 406 -14.90 20.87 -24.05
CA GLU A 406 -16.22 21.48 -24.35
C GLU A 406 -16.00 22.95 -24.61
N TYR A 407 -16.71 23.49 -25.58
CA TYR A 407 -16.59 24.89 -25.96
C TYR A 407 -17.88 25.65 -25.60
N ALA A 408 -17.76 26.96 -25.37
CA ALA A 408 -18.87 27.78 -24.93
C ALA A 408 -20.01 27.80 -25.94
N ASP A 409 -19.72 27.58 -27.22
CA ASP A 409 -20.79 27.47 -28.24
C ASP A 409 -21.53 26.11 -28.22
N GLY A 410 -21.18 25.26 -27.25
CA GLY A 410 -21.79 23.94 -27.06
C GLY A 410 -21.15 22.83 -27.88
N THR A 411 -20.13 23.14 -28.69
CA THR A 411 -19.40 22.10 -29.44
C THR A 411 -18.33 21.45 -28.57
N SER A 412 -17.77 20.36 -29.05
CA SER A 412 -16.69 19.68 -28.32
C SER A 412 -15.74 18.91 -29.20
N GLU A 413 -14.59 18.55 -28.63
CA GLU A 413 -13.58 17.78 -29.34
C GLU A 413 -13.18 16.67 -28.38
N ARG A 414 -12.93 15.50 -28.94
CA ARG A 414 -12.41 14.40 -28.16
C ARG A 414 -11.09 13.90 -28.77
N ILE A 415 -10.03 13.88 -27.95
CA ILE A 415 -8.72 13.42 -28.40
C ILE A 415 -8.46 12.15 -27.59
N THR A 416 -8.08 11.07 -28.26
CA THR A 416 -7.86 9.82 -27.54
C THR A 416 -6.54 9.14 -27.89
N SER A 417 -6.10 8.28 -26.98
CA SER A 417 -5.10 7.29 -27.25
C SER A 417 -5.58 6.40 -28.40
N GLY A 418 -4.63 6.11 -29.28
CA GLY A 418 -4.87 5.33 -30.49
C GLY A 418 -3.65 5.29 -31.41
N PRO A 419 -3.83 4.71 -32.62
CA PRO A 419 -2.73 4.29 -33.48
C PRO A 419 -1.83 5.42 -33.96
N ASP A 420 -2.32 6.66 -33.93
CA ASP A 420 -1.53 7.78 -34.43
C ASP A 420 -0.47 8.30 -33.41
N TRP A 421 -0.49 7.80 -32.18
CA TRP A 421 0.51 8.22 -31.17
C TRP A 421 1.90 7.69 -31.50
N ARG A 422 2.94 8.36 -30.98
CA ARG A 422 4.31 7.97 -31.25
C ARG A 422 5.05 7.76 -29.92
N ALA A 423 6.09 6.93 -29.95
CA ALA A 423 6.80 6.46 -28.77
C ALA A 423 8.31 6.53 -28.91
N ALA A 424 8.98 6.72 -27.78
CA ALA A 424 10.45 6.72 -27.70
C ALA A 424 10.85 6.22 -26.33
N SER A 425 12.09 5.76 -26.19
CA SER A 425 12.60 5.24 -24.92
C SER A 425 12.72 6.34 -23.85
N GLY A 426 13.25 7.51 -24.22
CA GLY A 426 13.42 8.58 -23.22
C GLY A 426 14.40 8.20 -22.12
N PRO A 427 14.38 8.91 -20.97
CA PRO A 427 15.42 8.71 -19.97
C PRO A 427 15.18 7.60 -18.93
N ILE A 428 13.94 7.15 -18.80
CA ILE A 428 13.69 6.14 -17.74
C ILE A 428 13.95 4.74 -18.26
N VAL A 429 15.19 4.29 -18.05
CA VAL A 429 15.73 3.05 -18.60
C VAL A 429 15.07 1.84 -17.94
N SER A 430 14.84 1.93 -16.65
CA SER A 430 14.23 0.84 -15.94
C SER A 430 13.38 1.40 -14.80
N ALA A 431 12.22 0.81 -14.55
CA ALA A 431 11.37 1.32 -13.47
C ALA A 431 10.61 0.15 -12.88
N ASP A 432 10.93 -0.19 -11.64
CA ASP A 432 10.30 -1.35 -11.01
C ASP A 432 9.96 -0.98 -9.58
N LEU A 433 8.81 -1.45 -9.09
CA LEU A 433 8.42 -1.01 -7.74
C LEU A 433 9.39 -1.48 -6.70
N LEU A 434 9.88 -2.71 -6.86
CA LEU A 434 10.82 -3.30 -5.91
C LEU A 434 12.31 -2.99 -6.19
N SER A 435 12.70 -3.05 -7.45
CA SER A 435 14.13 -2.95 -7.78
C SER A 435 14.61 -1.53 -7.76
N GLY A 436 13.72 -0.60 -8.11
CA GLY A 436 14.02 0.84 -8.18
C GLY A 436 13.94 1.37 -9.60
N GLU A 437 14.39 2.61 -9.78
CA GLU A 437 14.30 3.23 -11.08
C GLU A 437 15.70 3.66 -11.52
N THR A 438 15.98 3.56 -12.81
CA THR A 438 17.26 3.91 -13.38
C THR A 438 16.94 4.96 -14.41
N TYR A 439 17.59 6.12 -14.33
CA TYR A 439 17.24 7.27 -15.14
C TYR A 439 18.54 7.82 -15.70
N ASP A 440 18.60 8.03 -17.01
CA ASP A 440 19.78 8.62 -17.65
C ASP A 440 19.37 9.98 -18.28
N ALA A 441 19.81 11.07 -17.68
CA ALA A 441 19.36 12.41 -18.07
C ALA A 441 19.85 12.79 -19.45
N ARG A 442 20.86 12.06 -19.93
CA ARG A 442 21.36 12.29 -21.28
C ARG A 442 20.37 11.86 -22.33
N LYS A 443 19.44 10.98 -21.93
CA LYS A 443 18.46 10.44 -22.84
C LYS A 443 17.15 11.24 -22.80
N GLU A 444 17.16 12.38 -22.13
CA GLU A 444 16.02 13.29 -22.14
C GLU A 444 15.73 13.78 -23.57
N THR A 445 14.45 13.99 -23.86
CA THR A 445 14.04 14.52 -25.17
C THR A 445 13.35 15.84 -24.88
N ALA A 446 14.14 16.90 -24.73
CA ALA A 446 13.58 18.18 -24.33
C ALA A 446 12.46 18.66 -25.23
N GLY A 447 11.35 19.06 -24.61
CA GLY A 447 10.22 19.65 -25.33
C GLY A 447 9.13 18.66 -25.74
N TRP A 448 9.27 17.40 -25.35
CA TRP A 448 8.37 16.36 -25.86
C TRP A 448 6.94 16.47 -25.34
N THR A 449 6.75 17.17 -24.22
CA THR A 449 5.39 17.35 -23.67
C THR A 449 4.73 18.61 -24.21
N SER A 450 5.41 19.28 -25.15
CA SER A 450 4.90 20.51 -25.76
C SER A 450 4.68 20.38 -27.28
N PRO A 451 3.74 21.17 -27.83
CA PRO A 451 3.54 21.12 -29.27
C PRO A 451 4.76 21.69 -29.99
N GLY A 452 4.88 21.41 -31.29
CA GLY A 452 6.00 21.88 -32.10
C GLY A 452 7.25 21.00 -31.96
N PHE A 453 7.11 19.84 -31.34
CA PHE A 453 8.24 18.92 -31.12
C PHE A 453 8.50 18.02 -32.32
N ASP A 454 9.77 17.82 -32.67
CA ASP A 454 10.12 16.97 -33.80
C ASP A 454 10.22 15.52 -33.38
N ASP A 455 9.13 14.74 -33.59
CA ASP A 455 9.11 13.32 -33.27
C ASP A 455 9.17 12.36 -34.49
N ARG A 456 9.73 12.81 -35.60
CA ARG A 456 9.76 11.98 -36.81
C ARG A 456 10.52 10.67 -36.65
N ALA A 457 11.51 10.64 -35.76
CA ALA A 457 12.26 9.42 -35.46
C ALA A 457 11.76 8.65 -34.22
N TRP A 458 10.63 9.08 -33.66
CA TRP A 458 9.88 8.25 -32.70
C TRP A 458 9.17 7.09 -33.44
N LEU A 459 8.69 6.07 -32.72
CA LEU A 459 8.09 4.92 -33.40
C LEU A 459 6.57 4.90 -33.25
N ALA A 460 5.85 4.37 -34.23
CA ALA A 460 4.40 4.19 -34.09
C ALA A 460 4.14 3.30 -32.87
N VAL A 461 3.15 3.69 -32.06
CA VAL A 461 2.64 2.81 -30.99
C VAL A 461 1.96 1.59 -31.56
N ARG A 462 1.69 0.60 -30.74
CA ARG A 462 0.91 -0.55 -31.19
C ARG A 462 -0.35 -0.61 -30.34
N GLY A 463 -1.36 -1.30 -30.85
CA GLY A 463 -2.49 -1.63 -30.00
C GLY A 463 -1.93 -2.62 -29.00
N ALA A 464 -2.37 -2.51 -27.76
CA ALA A 464 -1.97 -3.39 -26.69
C ALA A 464 -2.57 -4.78 -26.90
N ASP A 465 -1.84 -5.81 -26.49
CA ASP A 465 -2.32 -7.19 -26.63
C ASP A 465 -2.72 -7.74 -25.27
N ASN A 466 -2.85 -6.81 -24.33
CA ASN A 466 -3.28 -7.09 -22.98
C ASN A 466 -4.76 -7.51 -22.92
N ASP A 467 -5.06 -8.48 -22.07
CA ASP A 467 -6.45 -8.77 -21.73
C ASP A 467 -7.12 -7.48 -21.25
N VAL A 468 -8.34 -7.24 -21.72
CA VAL A 468 -9.10 -6.07 -21.33
C VAL A 468 -9.76 -6.35 -19.98
N PRO A 469 -9.55 -5.46 -18.98
CA PRO A 469 -10.25 -5.61 -17.70
C PRO A 469 -11.74 -5.63 -17.91
N GLU A 470 -12.45 -6.48 -17.15
CA GLU A 470 -13.91 -6.57 -17.22
C GLU A 470 -14.62 -5.23 -16.97
N GLN A 471 -14.09 -4.43 -16.04
CA GLN A 471 -14.72 -3.17 -15.65
C GLN A 471 -13.64 -2.08 -15.58
N ILE A 472 -13.98 -0.89 -16.03
CA ILE A 472 -13.15 0.31 -15.86
C ILE A 472 -13.95 1.23 -14.97
N VAL A 473 -13.46 1.46 -13.74
CA VAL A 473 -14.27 2.12 -12.71
C VAL A 473 -13.53 3.33 -12.15
N ALA A 474 -14.25 4.40 -11.81
CA ALA A 474 -13.62 5.61 -11.25
C ALA A 474 -12.95 5.23 -9.95
N GLN A 475 -11.73 5.71 -9.73
CA GLN A 475 -10.96 5.30 -8.56
C GLN A 475 -11.75 5.57 -7.27
N VAL A 476 -11.85 4.55 -6.43
CA VAL A 476 -12.62 4.65 -5.20
C VAL A 476 -11.79 5.23 -4.03
N ASP A 477 -10.58 4.71 -3.83
CA ASP A 477 -9.72 5.22 -2.76
C ASP A 477 -9.09 6.56 -3.17
N GLY A 478 -8.54 7.31 -2.21
CA GLY A 478 -7.72 8.50 -2.52
C GLY A 478 -6.47 8.12 -3.25
N PRO A 479 -6.21 8.73 -4.41
CA PRO A 479 -4.99 8.53 -5.15
C PRO A 479 -3.78 8.76 -4.26
N VAL A 480 -2.72 8.01 -4.49
CA VAL A 480 -1.49 8.20 -3.74
C VAL A 480 -0.93 9.57 -4.13
N ARG A 481 -0.59 10.39 -3.14
CA ARG A 481 0.02 11.71 -3.43
C ARG A 481 1.11 11.98 -2.42
N ILE A 482 2.03 12.89 -2.74
CA ILE A 482 3.06 13.32 -1.77
C ILE A 482 2.35 14.13 -0.69
N ALA A 483 2.51 13.72 0.56
CA ALA A 483 1.81 14.39 1.66
C ALA A 483 2.75 15.32 2.39
N LYS A 484 4.05 15.03 2.32
CA LYS A 484 5.08 15.87 2.98
C LYS A 484 6.47 15.48 2.55
N GLU A 485 7.41 16.41 2.79
CA GLU A 485 8.82 16.18 2.48
C GLU A 485 9.61 16.09 3.79
N LEU A 486 10.63 15.24 3.83
CA LEU A 486 11.53 15.11 4.97
C LEU A 486 12.95 15.44 4.56
N PRO A 487 13.45 16.63 4.92
CA PRO A 487 14.84 16.95 4.53
C PRO A 487 15.79 16.04 5.29
N ALA A 488 16.93 15.70 4.71
CA ALA A 488 17.92 14.91 5.41
C ALA A 488 18.36 15.70 6.65
N ARG A 489 18.52 15.02 7.77
CA ARG A 489 18.80 15.66 9.05
C ARG A 489 20.29 15.66 9.34
N LYS A 490 21.02 14.73 8.72
CA LYS A 490 22.48 14.67 8.81
C LYS A 490 23.07 13.77 7.72
N VAL A 491 24.35 13.99 7.45
CA VAL A 491 25.13 13.25 6.48
C VAL A 491 26.31 12.64 7.21
N THR A 492 26.50 11.33 7.08
CA THR A 492 27.70 10.69 7.57
C THR A 492 28.46 10.09 6.39
N GLU A 493 29.72 9.77 6.60
CA GLU A 493 30.53 9.07 5.62
C GLU A 493 31.21 7.90 6.30
N PRO A 494 30.49 6.76 6.47
CA PRO A 494 31.04 5.60 7.20
C PRO A 494 32.11 4.78 6.47
N LYS A 495 32.23 4.97 5.16
CA LYS A 495 33.32 4.39 4.35
C LYS A 495 33.64 5.47 3.30
N PRO A 496 34.92 5.54 2.82
CA PRO A 496 35.26 6.64 1.91
C PRO A 496 34.33 6.68 0.67
N GLY A 497 33.75 7.84 0.40
CA GLY A 497 32.87 8.04 -0.76
C GLY A 497 31.51 7.34 -0.69
N VAL A 498 31.21 6.75 0.46
CA VAL A 498 29.90 6.13 0.70
C VAL A 498 29.20 6.91 1.80
N PHE A 499 28.25 7.76 1.40
CA PHE A 499 27.59 8.67 2.30
C PHE A 499 26.24 8.11 2.72
N VAL A 500 25.88 8.35 3.98
CA VAL A 500 24.60 7.87 4.51
C VAL A 500 23.86 9.09 5.05
N LEU A 501 22.65 9.34 4.53
CA LEU A 501 21.86 10.48 4.95
C LEU A 501 20.67 9.99 5.73
N ASP A 502 20.46 10.57 6.91
CA ASP A 502 19.41 10.18 7.85
C ASP A 502 18.26 11.15 7.73
N LEU A 503 17.09 10.61 7.39
CA LEU A 503 15.89 11.41 7.27
C LEU A 503 15.14 11.52 8.63
N GLY A 504 15.57 10.72 9.59
CA GLY A 504 15.11 10.83 10.99
C GLY A 504 13.80 10.12 11.23
N GLN A 505 13.21 9.60 10.15
CA GLN A 505 11.89 8.93 10.25
C GLN A 505 11.87 7.82 9.20
N ASN A 506 11.40 6.63 9.57
CA ASN A 506 11.25 5.54 8.61
C ASN A 506 9.99 5.87 7.78
N MET A 507 10.19 6.24 6.50
CA MET A 507 9.13 6.77 5.66
C MET A 507 8.95 5.92 4.41
N VAL A 508 7.91 6.22 3.64
CA VAL A 508 7.65 5.46 2.42
C VAL A 508 7.42 6.43 1.29
N GLY A 509 8.09 6.17 0.17
CA GLY A 509 8.06 7.11 -0.97
C GLY A 509 9.39 7.05 -1.69
N SER A 510 9.92 8.20 -2.09
CA SER A 510 11.21 8.19 -2.79
C SER A 510 11.83 9.58 -2.58
N VAL A 511 13.07 9.79 -3.03
CA VAL A 511 13.75 11.02 -2.70
C VAL A 511 13.74 12.02 -3.86
N ARG A 512 14.04 13.27 -3.57
CA ARG A 512 14.52 14.20 -4.57
C ARG A 512 16.01 14.33 -4.35
N LEU A 513 16.77 14.12 -5.43
CA LEU A 513 18.22 14.26 -5.43
C LEU A 513 18.55 15.55 -6.16
N ARG A 514 19.36 16.41 -5.52
CA ARG A 514 19.97 17.56 -6.20
C ARG A 514 21.47 17.29 -6.33
N VAL A 515 22.00 17.46 -7.53
CA VAL A 515 23.40 17.14 -7.79
C VAL A 515 23.92 17.97 -8.97
N SER A 516 25.17 18.43 -8.86
CA SER A 516 25.83 19.13 -9.96
C SER A 516 27.08 18.37 -10.26
N GLY A 517 27.37 18.20 -11.55
CA GLY A 517 28.55 17.42 -11.92
C GLY A 517 28.62 17.18 -13.41
N ASP A 518 29.65 16.44 -13.80
CA ASP A 518 29.88 16.17 -15.21
C ASP A 518 28.83 15.26 -15.81
N ALA A 519 28.42 15.55 -17.06
CA ALA A 519 27.57 14.64 -17.85
C ALA A 519 28.17 13.22 -17.83
N GLY A 520 27.36 12.19 -17.57
CA GLY A 520 27.88 10.81 -17.53
C GLY A 520 28.22 10.31 -16.13
N THR A 521 28.23 11.21 -15.14
CA THR A 521 28.47 10.77 -13.74
C THR A 521 27.24 9.98 -13.30
N THR A 522 27.45 8.79 -12.74
CA THR A 522 26.33 7.99 -12.19
C THR A 522 26.24 7.94 -10.65
N VAL A 523 25.12 8.43 -10.11
CA VAL A 523 24.87 8.41 -8.66
C VAL A 523 23.92 7.27 -8.37
N ARG A 524 24.26 6.49 -7.36
CA ARG A 524 23.41 5.40 -6.90
CA ARG A 524 23.45 5.37 -6.91
C ARG A 524 22.85 5.69 -5.51
N LEU A 525 21.57 5.40 -5.32
CA LEU A 525 20.90 5.67 -4.05
C LEU A 525 20.30 4.37 -3.59
N ARG A 526 20.81 3.84 -2.49
CA ARG A 526 20.22 2.67 -1.85
C ARG A 526 19.43 3.11 -0.62
N HIS A 527 18.39 2.35 -0.26
CA HIS A 527 17.46 2.77 0.75
C HIS A 527 17.36 1.68 1.81
N ALA A 528 17.43 2.09 3.07
CA ALA A 528 17.41 1.13 4.20
C ALA A 528 16.59 1.61 5.36
N GLU A 529 16.03 0.66 6.09
CA GLU A 529 15.24 0.99 7.29
C GLU A 529 16.12 1.22 8.53
N VAL A 530 17.26 0.54 8.58
CA VAL A 530 18.16 0.54 9.75
C VAL A 530 19.63 0.54 9.33
N LEU A 531 20.52 0.72 10.31
CA LEU A 531 21.97 0.77 10.10
C LEU A 531 22.65 -0.38 10.82
N ASN A 532 23.82 -0.77 10.33
CA ASN A 532 24.70 -1.66 11.09
C ASN A 532 25.41 -0.85 12.18
N PRO A 533 26.00 -1.53 13.20
CA PRO A 533 26.69 -0.74 14.24
C PRO A 533 27.82 0.16 13.70
N ASP A 534 28.41 -0.16 12.56
CA ASP A 534 29.44 0.72 11.97
C ASP A 534 28.90 1.98 11.25
N GLY A 535 27.57 2.08 11.14
CA GLY A 535 26.98 3.27 10.53
C GLY A 535 26.71 3.12 9.04
N THR A 536 27.02 1.95 8.48
CA THR A 536 26.67 1.62 7.08
C THR A 536 25.21 1.10 7.06
N ILE A 537 24.55 1.21 5.90
CA ILE A 537 23.16 0.73 5.78
C ILE A 537 23.05 -0.79 5.80
N TYR A 538 21.98 -1.26 6.44
CA TYR A 538 21.67 -2.67 6.50
C TYR A 538 20.49 -2.93 5.59
N THR A 539 20.65 -3.85 4.64
CA THR A 539 19.61 -4.10 3.63
C THR A 539 19.24 -5.58 3.51
N ALA A 540 19.87 -6.46 4.30
CA ALA A 540 19.60 -7.89 4.19
C ALA A 540 18.11 -8.26 4.36
N ASN A 541 17.40 -7.49 5.18
CA ASN A 541 15.96 -7.79 5.46
C ASN A 541 15.05 -7.44 4.27
N LEU A 542 15.61 -6.72 3.28
CA LEU A 542 14.86 -6.38 2.08
C LEU A 542 14.78 -7.57 1.12
N ARG A 543 15.59 -8.61 1.36
CA ARG A 543 15.62 -9.81 0.58
C ARG A 543 15.89 -9.46 -0.89
N SER A 544 15.03 -9.88 -1.81
CA SER A 544 15.29 -9.63 -3.23
C SER A 544 15.02 -8.20 -3.74
N ALA A 545 14.37 -7.36 -2.95
CA ALA A 545 14.11 -5.98 -3.37
C ALA A 545 15.39 -5.11 -3.32
N ALA A 546 15.96 -4.75 -4.48
CA ALA A 546 17.16 -3.92 -4.47
C ALA A 546 16.93 -2.52 -3.86
N ALA A 547 15.73 -1.95 -4.09
CA ALA A 547 15.38 -0.60 -3.62
C ALA A 547 16.51 0.42 -3.93
N THR A 548 16.98 0.36 -5.16
CA THR A 548 18.07 1.23 -5.62
C THR A 548 17.67 2.06 -6.80
N ASP A 549 17.86 3.38 -6.67
CA ASP A 549 17.61 4.30 -7.80
C ASP A 549 18.96 4.82 -8.30
N THR A 550 19.09 4.92 -9.62
CA THR A 550 20.36 5.23 -10.25
C THR A 550 20.10 6.42 -11.15
N TYR A 551 20.95 7.44 -11.08
CA TYR A 551 20.76 8.63 -11.90
C TYR A 551 22.07 8.99 -12.58
N THR A 552 22.02 9.16 -13.91
CA THR A 552 23.21 9.54 -14.67
C THR A 552 23.03 10.99 -15.12
N LEU A 553 24.01 11.84 -14.81
CA LEU A 553 23.89 13.28 -15.04
C LEU A 553 23.98 13.70 -16.49
N LYS A 554 23.29 14.80 -16.83
CA LYS A 554 23.42 15.43 -18.16
C LYS A 554 24.43 16.59 -18.17
N GLY A 555 24.99 16.93 -17.01
CA GLY A 555 25.97 18.03 -16.87
C GLY A 555 25.40 19.40 -17.07
N GLN A 556 24.27 19.67 -16.41
CA GLN A 556 23.54 20.89 -16.67
C GLN A 556 23.10 21.54 -15.37
N GLY A 557 24.03 22.23 -14.70
CA GLY A 557 23.71 23.02 -13.51
C GLY A 557 23.31 22.17 -12.32
N GLU A 558 22.40 22.67 -11.48
CA GLU A 558 21.97 21.92 -10.29
C GLU A 558 20.82 20.99 -10.68
N GLU A 559 21.16 19.79 -11.15
CA GLU A 559 20.18 18.82 -11.62
C GLU A 559 19.23 18.34 -10.52
N THR A 560 18.01 17.98 -10.91
CA THR A 560 17.00 17.52 -9.93
C THR A 560 16.51 16.20 -10.43
N TYR A 561 16.61 15.14 -9.60
CA TYR A 561 16.06 13.84 -10.00
C TYR A 561 14.99 13.41 -9.00
N GLU A 562 13.80 13.07 -9.50
CA GLU A 562 12.72 12.60 -8.64
C GLU A 562 12.15 11.34 -9.27
N PRO A 563 12.36 10.17 -8.67
CA PRO A 563 11.77 8.96 -9.29
C PRO A 563 10.25 9.04 -9.46
N ARG A 564 9.69 8.32 -10.42
CA ARG A 564 8.23 8.36 -10.63
C ARG A 564 7.57 6.98 -10.44
N PHE A 565 8.27 5.91 -10.77
CA PHE A 565 7.60 4.60 -10.90
C PHE A 565 8.16 3.54 -9.98
N THR A 566 8.58 4.00 -8.82
CA THR A 566 9.09 3.07 -7.79
C THR A 566 8.74 3.68 -6.44
N PHE A 567 8.83 2.90 -5.38
CA PHE A 567 8.78 3.45 -4.02
C PHE A 567 9.55 2.55 -3.09
N HIS A 568 10.03 3.12 -1.98
CA HIS A 568 10.81 2.33 -1.03
C HIS A 568 10.37 2.68 0.38
N GLY A 569 10.67 1.79 1.30
CA GLY A 569 10.48 2.04 2.75
C GLY A 569 11.85 2.17 3.40
N PHE A 570 12.10 3.31 4.04
CA PHE A 570 13.47 3.66 4.47
C PHE A 570 13.48 4.84 5.39
N ARG A 571 14.52 4.86 6.23
CA ARG A 571 14.91 6.04 7.01
C ARG A 571 16.26 6.58 6.51
N TYR A 572 17.07 5.71 5.96
CA TYR A 572 18.44 6.09 5.55
C TYR A 572 18.62 5.91 4.05
N VAL A 573 19.36 6.85 3.45
CA VAL A 573 19.74 6.79 2.04
C VAL A 573 21.27 6.76 1.94
N GLU A 574 21.78 5.71 1.30
CA GLU A 574 23.20 5.58 0.96
C GLU A 574 23.47 6.10 -0.44
N VAL A 575 24.40 7.02 -0.54
CA VAL A 575 24.67 7.75 -1.79
C VAL A 575 26.09 7.37 -2.18
N THR A 576 26.26 6.74 -3.35
CA THR A 576 27.60 6.48 -3.91
C THR A 576 27.72 7.13 -5.31
N GLY A 577 28.93 7.48 -5.72
CA GLY A 577 29.13 8.14 -7.02
C GLY A 577 28.84 9.63 -7.08
N PHE A 578 28.51 10.23 -5.93
CA PHE A 578 28.24 11.66 -5.86
C PHE A 578 29.52 12.41 -6.21
N PRO A 579 29.41 13.47 -7.03
CA PRO A 579 30.64 14.25 -7.27
C PRO A 579 30.87 15.23 -6.12
N GLY A 580 31.90 14.97 -5.32
CA GLY A 580 32.15 15.80 -4.16
C GLY A 580 31.42 15.24 -2.97
N LYS A 581 30.97 16.11 -2.07
CA LYS A 581 30.35 15.65 -0.85
C LYS A 581 28.89 16.07 -0.80
N PRO A 582 27.98 15.09 -0.67
CA PRO A 582 26.59 15.52 -0.49
C PRO A 582 26.40 16.30 0.82
N SER A 583 25.48 17.24 0.80
CA SER A 583 25.08 17.94 2.01
C SER A 583 23.65 17.52 2.29
N THR A 584 23.09 18.04 3.38
CA THR A 584 21.73 17.68 3.76
C THR A 584 20.73 18.09 2.68
N THR A 585 21.06 19.12 1.89
CA THR A 585 20.14 19.58 0.86
C THR A 585 20.14 18.65 -0.36
N SER A 586 21.09 17.73 -0.46
CA SER A 586 21.20 16.87 -1.65
C SER A 586 20.06 15.84 -1.78
N VAL A 587 19.48 15.47 -0.65
CA VAL A 587 18.48 14.39 -0.60
C VAL A 587 17.31 14.81 0.31
N THR A 588 16.09 14.73 -0.21
CA THR A 588 14.89 15.06 0.58
C THR A 588 13.91 13.93 0.34
N GLY A 589 13.36 13.35 1.41
CA GLY A 589 12.35 12.30 1.21
C GLY A 589 11.01 12.88 0.83
N ARG A 590 10.29 12.19 -0.08
CA ARG A 590 8.94 12.63 -0.45
C ARG A 590 8.02 11.52 0.02
N VAL A 591 7.27 11.81 1.08
CA VAL A 591 6.40 10.82 1.73
C VAL A 591 5.11 10.68 0.91
N MET A 592 4.82 9.46 0.44
CA MET A 592 3.68 9.18 -0.42
C MET A 592 2.72 8.19 0.22
N HIS A 593 1.43 8.48 0.14
CA HIS A 593 0.37 7.54 0.60
C HIS A 593 -0.96 7.97 0.06
N THR A 594 -1.99 7.15 0.32
CA THR A 594 -3.34 7.56 -0.04
C THR A 594 -3.72 8.97 0.43
N SER A 595 -4.42 9.72 -0.42
CA SER A 595 -4.78 11.11 -0.09
C SER A 595 -6.00 11.07 0.77
N ALA A 596 -5.79 10.83 2.07
CA ALA A 596 -6.87 10.87 3.05
C ALA A 596 -6.35 11.66 4.23
N PRO A 597 -7.21 12.44 4.90
CA PRO A 597 -6.77 13.26 6.03
C PRO A 597 -6.45 12.42 7.28
N PHE A 598 -5.55 12.92 8.11
CA PHE A 598 -5.37 12.36 9.45
C PHE A 598 -6.51 12.84 10.33
N THR A 599 -7.04 11.97 11.18
CA THR A 599 -8.29 12.29 11.85
C THR A 599 -8.21 12.11 13.37
N PHE A 600 -7.02 11.95 13.92
CA PHE A 600 -6.90 11.84 15.38
C PHE A 600 -5.68 12.54 15.92
N GLU A 601 -5.91 13.61 16.68
CA GLU A 601 -4.82 14.31 17.38
C GLU A 601 -4.80 13.80 18.82
N PHE A 602 -3.63 13.39 19.30
CA PHE A 602 -3.50 12.76 20.61
C PHE A 602 -2.24 13.28 21.26
N GLU A 603 -2.34 13.76 22.51
CA GLU A 603 -1.19 14.24 23.26
C GLU A 603 -1.40 14.01 24.74
N THR A 604 -0.38 13.46 25.39
CA THR A 604 -0.38 13.23 26.84
C THR A 604 0.81 13.95 27.47
N ASN A 605 0.88 13.94 28.80
CA ASN A 605 2.05 14.41 29.54
C ASN A 605 3.29 13.50 29.42
N VAL A 606 3.12 12.30 28.85
CA VAL A 606 4.15 11.26 28.76
C VAL A 606 4.81 11.13 27.38
N PRO A 607 6.04 11.65 27.24
CA PRO A 607 6.73 11.63 25.95
C PRO A 607 6.68 10.27 25.22
N MET A 608 6.83 9.17 25.95
CA MET A 608 6.88 7.85 25.33
C MET A 608 5.55 7.46 24.66
N LEU A 609 4.46 7.97 25.20
CA LEU A 609 3.16 7.61 24.60
C LEU A 609 2.91 8.47 23.40
N ASN A 610 3.40 9.70 23.45
CA ASN A 610 3.30 10.59 22.31
C ASN A 610 4.11 10.03 21.13
N LYS A 611 5.28 9.44 21.44
CA LYS A 611 6.10 8.76 20.42
C LYS A 611 5.42 7.50 19.87
N LEU A 612 4.81 6.72 20.76
CA LEU A 612 4.08 5.56 20.35
C LEU A 612 2.96 5.90 19.32
N HIS A 613 2.17 6.93 19.64
CA HIS A 613 1.15 7.45 18.74
C HIS A 613 1.74 7.92 17.40
N SER A 614 2.81 8.71 17.44
CA SER A 614 3.51 9.10 16.20
C SER A 614 3.89 7.87 15.37
N ASN A 615 4.47 6.86 16.00
CA ASN A 615 4.92 5.64 15.32
C ASN A 615 3.76 4.87 14.68
N ILE A 616 2.65 4.77 15.41
CA ILE A 616 1.41 4.21 14.86
C ILE A 616 0.97 4.89 13.55
N THR A 617 0.91 6.22 13.55
CA THR A 617 0.44 7.00 12.39
C THR A 617 1.45 6.89 11.27
N TRP A 618 2.73 6.74 11.60
CA TRP A 618 3.73 6.54 10.55
C TRP A 618 3.68 5.12 9.97
N GLY A 619 3.48 4.09 10.81
CA GLY A 619 3.33 2.73 10.34
C GLY A 619 2.07 2.61 9.48
N GLN A 620 1.01 3.32 9.86
CA GLN A 620 -0.22 3.23 9.07
C GLN A 620 0.00 3.90 7.70
N ARG A 621 0.49 5.12 7.73
CA ARG A 621 0.59 5.86 6.46
C ARG A 621 1.58 5.19 5.50
N GLY A 622 2.63 4.59 6.05
CA GLY A 622 3.63 3.93 5.21
C GLY A 622 3.07 2.74 4.45
N ASN A 623 2.03 2.13 5.02
CA ASN A 623 1.45 0.96 4.42
C ASN A 623 0.06 1.17 3.82
N PHE A 624 -0.33 2.43 3.64
CA PHE A 624 -1.62 2.75 3.04
C PHE A 624 -1.33 3.38 1.66
N LEU A 625 -0.72 2.59 0.77
CA LEU A 625 -0.41 2.99 -0.61
C LEU A 625 -1.10 2.04 -1.57
N SER A 626 -2.21 2.48 -2.13
CA SER A 626 -3.11 1.70 -3.02
C SER A 626 -3.81 0.47 -2.35
N VAL A 627 -3.05 -0.34 -1.63
CA VAL A 627 -3.66 -1.45 -0.83
C VAL A 627 -3.04 -1.39 0.56
N PRO A 628 -3.76 -1.89 1.59
CA PRO A 628 -3.20 -1.93 2.94
C PRO A 628 -2.11 -3.05 3.00
N THR A 629 -0.83 -2.66 3.06
CA THR A 629 0.24 -3.63 2.91
C THR A 629 0.78 -4.08 4.26
N ASP A 630 1.40 -5.26 4.26
CA ASP A 630 2.14 -5.73 5.44
C ASP A 630 3.40 -4.92 5.69
N THR A 631 4.19 -4.69 4.64
CA THR A 631 5.42 -3.89 4.77
C THR A 631 5.68 -3.20 3.46
N PRO A 632 6.23 -1.99 3.52
CA PRO A 632 6.45 -1.21 2.29
C PRO A 632 7.88 -1.35 1.72
N ALA A 633 8.71 -2.16 2.36
CA ALA A 633 10.15 -2.09 2.09
C ALA A 633 10.72 -3.34 1.43
N ARG A 634 10.46 -4.53 1.98
CA ARG A 634 11.03 -5.74 1.37
C ARG A 634 10.29 -6.17 0.11
N ASP A 635 10.70 -7.30 -0.45
CA ASP A 635 10.02 -7.88 -1.62
C ASP A 635 8.70 -8.60 -1.22
N GLU A 636 7.75 -7.83 -0.65
CA GLU A 636 6.45 -8.37 -0.30
C GLU A 636 5.42 -7.29 -0.65
N ARG A 637 5.00 -6.46 0.31
CA ARG A 637 4.07 -5.33 0.02
C ARG A 637 2.78 -5.83 -0.56
N LEU A 638 2.23 -6.87 0.10
CA LEU A 638 1.00 -7.50 -0.33
C LEU A 638 -0.14 -7.12 0.59
N GLY A 639 -1.38 -7.25 0.10
CA GLY A 639 -2.57 -6.86 0.86
C GLY A 639 -2.96 -7.95 1.84
N TRP A 640 -2.15 -8.11 2.88
CA TRP A 640 -2.31 -9.21 3.84
C TRP A 640 -3.55 -9.01 4.70
N THR A 641 -4.42 -10.02 4.68
CA THR A 641 -5.71 -9.93 5.36
C THR A 641 -5.56 -9.93 6.90
N GLY A 642 -4.68 -10.79 7.41
CA GLY A 642 -4.42 -10.84 8.85
C GLY A 642 -4.01 -9.52 9.45
N ASP A 643 -3.09 -8.82 8.78
CA ASP A 643 -2.57 -7.60 9.30
C ASP A 643 -3.64 -6.50 9.37
N ILE A 644 -4.45 -6.39 8.32
CA ILE A 644 -5.48 -5.35 8.34
C ILE A 644 -6.66 -5.73 9.26
N ASN A 645 -6.95 -7.02 9.37
CA ASN A 645 -7.90 -7.53 10.37
C ASN A 645 -7.56 -6.96 11.72
N VAL A 646 -6.32 -7.17 12.18
CA VAL A 646 -5.97 -6.71 13.53
C VAL A 646 -5.90 -5.17 13.67
N PHE A 647 -5.49 -4.48 12.60
CA PHE A 647 -5.21 -3.05 12.68
C PHE A 647 -6.37 -2.12 12.31
N ALA A 648 -7.41 -2.64 11.64
CA ALA A 648 -8.48 -1.78 11.12
C ALA A 648 -9.11 -0.82 12.13
N PRO A 649 -9.48 -1.30 13.35
CA PRO A 649 -10.10 -0.36 14.28
C PRO A 649 -9.18 0.81 14.66
N THR A 650 -7.87 0.56 14.81
CA THR A 650 -6.93 1.63 15.09
C THR A 650 -6.83 2.58 13.87
N ALA A 651 -6.68 2.00 12.68
CA ALA A 651 -6.58 2.76 11.42
C ALA A 651 -7.74 3.71 11.24
N ALA A 652 -8.95 3.27 11.62
CA ALA A 652 -10.14 4.11 11.50
C ALA A 652 -10.25 5.25 12.51
N TYR A 653 -9.40 5.26 13.56
CA TYR A 653 -9.24 6.45 14.37
C TYR A 653 -8.31 7.45 13.68
N THR A 654 -7.17 6.96 13.21
CA THR A 654 -6.07 7.87 12.90
C THR A 654 -6.09 8.50 11.51
N MET A 655 -6.69 7.83 10.52
CA MET A 655 -6.91 8.45 9.19
C MET A 655 -8.32 8.13 8.75
N GLU A 656 -8.87 8.98 7.89
CA GLU A 656 -10.11 8.63 7.21
C GLU A 656 -9.80 7.41 6.34
N SER A 657 -10.29 6.24 6.77
CA SER A 657 -9.93 4.97 6.16
C SER A 657 -11.10 4.34 5.42
N ALA A 658 -12.24 5.05 5.35
CA ALA A 658 -13.43 4.49 4.70
C ALA A 658 -13.25 4.26 3.21
N ARG A 659 -12.82 5.27 2.45
CA ARG A 659 -12.68 5.03 1.03
C ARG A 659 -11.58 3.98 0.77
N PHE A 660 -10.49 4.04 1.56
CA PHE A 660 -9.33 3.16 1.31
C PHE A 660 -9.71 1.70 1.56
N LEU A 661 -10.33 1.44 2.69
CA LEU A 661 -10.70 0.05 3.02
C LEU A 661 -11.95 -0.44 2.30
N THR A 662 -12.88 0.47 1.96
CA THR A 662 -13.96 0.14 1.01
C THR A 662 -13.42 -0.40 -0.28
N LYS A 663 -12.45 0.31 -0.87
CA LYS A 663 -11.78 -0.13 -2.07
C LYS A 663 -11.12 -1.50 -1.86
N TRP A 664 -10.40 -1.64 -0.75
CA TRP A 664 -9.68 -2.90 -0.52
C TRP A 664 -10.68 -4.08 -0.36
N LEU A 665 -11.80 -3.85 0.28
CA LEU A 665 -12.79 -4.95 0.44
C LEU A 665 -13.36 -5.39 -0.90
N VAL A 666 -13.44 -4.46 -1.88
CA VAL A 666 -13.75 -4.87 -3.22
C VAL A 666 -12.68 -5.82 -3.76
N ASP A 667 -11.41 -5.52 -3.49
CA ASP A 667 -10.30 -6.41 -3.92
C ASP A 667 -10.44 -7.77 -3.23
N LEU A 668 -10.76 -7.75 -1.95
CA LEU A 668 -10.87 -9.01 -1.21
C LEU A 668 -11.98 -9.89 -1.76
N ARG A 669 -13.15 -9.31 -1.97
CA ARG A 669 -14.25 -10.02 -2.63
C ARG A 669 -13.97 -10.44 -4.05
N ASP A 670 -13.17 -9.69 -4.80
CA ASP A 670 -12.78 -10.10 -6.15
C ASP A 670 -11.93 -11.37 -6.08
N ALA A 671 -11.23 -11.56 -4.95
CA ALA A 671 -10.30 -12.71 -4.80
C ALA A 671 -10.94 -13.92 -4.12
N GLN A 672 -12.13 -13.74 -3.56
CA GLN A 672 -12.77 -14.85 -2.78
C GLN A 672 -12.92 -16.07 -3.68
N THR A 673 -12.55 -17.24 -3.17
CA THR A 673 -12.53 -18.42 -4.06
C THR A 673 -13.94 -18.88 -4.32
N SER A 674 -14.09 -19.73 -5.34
CA SER A 674 -15.40 -20.20 -5.78
C SER A 674 -16.07 -21.03 -4.69
N ASP A 675 -15.32 -21.58 -3.74
CA ASP A 675 -15.96 -22.27 -2.62
C ASP A 675 -16.09 -21.40 -1.36
N GLY A 676 -15.90 -20.10 -1.56
CA GLY A 676 -16.24 -19.09 -0.52
C GLY A 676 -15.13 -18.75 0.46
N ALA A 677 -13.91 -19.21 0.19
CA ALA A 677 -12.83 -18.93 1.10
C ALA A 677 -12.22 -17.54 0.77
N PHE A 678 -12.15 -16.67 1.79
CA PHE A 678 -11.30 -15.47 1.66
C PHE A 678 -9.80 -15.89 1.59
N THR A 679 -9.02 -15.19 0.76
CA THR A 679 -7.57 -15.47 0.57
C THR A 679 -6.68 -14.84 1.64
N ASP A 680 -5.43 -15.30 1.72
CA ASP A 680 -4.47 -14.75 2.66
C ASP A 680 -4.07 -13.32 2.25
N VAL A 681 -4.04 -13.07 0.94
CA VAL A 681 -3.75 -11.70 0.44
C VAL A 681 -4.76 -11.30 -0.60
N ALA A 682 -5.01 -9.99 -0.70
CA ALA A 682 -5.87 -9.44 -1.74
C ALA A 682 -5.31 -8.07 -2.18
N PRO A 683 -5.13 -7.86 -3.49
CA PRO A 683 -5.27 -8.78 -4.65
C PRO A 683 -4.47 -10.05 -4.47
N ALA A 684 -5.01 -11.14 -5.00
CA ALA A 684 -4.40 -12.45 -4.84
C ALA A 684 -3.31 -12.65 -5.89
N VAL A 685 -2.08 -12.77 -5.42
CA VAL A 685 -0.94 -13.07 -6.26
C VAL A 685 -0.11 -14.18 -5.62
N GLY A 686 0.66 -14.88 -6.46
CA GLY A 686 1.67 -15.83 -6.04
C GLY A 686 1.24 -17.10 -5.32
N ASN A 687 0.00 -17.55 -5.51
CA ASN A 687 -0.42 -18.84 -4.87
C ASN A 687 -0.14 -18.98 -3.35
N LEU A 688 -0.40 -17.91 -2.63
N LEU A 688 -0.56 -17.98 -2.58
CA LEU A 688 -0.48 -17.98 -1.19
CA LEU A 688 -0.27 -17.92 -1.14
C LEU A 688 -1.83 -18.61 -0.96
C LEU A 688 -1.15 -18.81 -0.24
N GLY A 689 -2.05 -19.06 0.27
N GLY A 689 -2.41 -18.96 -0.59
CA GLY A 689 -3.24 -19.82 0.56
CA GLY A 689 -3.33 -19.78 0.22
C GLY A 689 -4.51 -19.03 0.77
C GLY A 689 -4.62 -19.05 0.56
N ASN A 690 -5.51 -19.73 1.31
CA ASN A 690 -6.81 -19.15 1.68
C ASN A 690 -7.43 -19.94 2.82
N GLY A 691 -8.54 -19.43 3.36
CA GLY A 691 -9.28 -20.17 4.40
C GLY A 691 -8.62 -20.23 5.77
N VAL A 692 -7.80 -19.23 6.07
CA VAL A 692 -7.05 -19.20 7.29
C VAL A 692 -7.69 -18.30 8.33
N ALA A 693 -7.98 -18.89 9.50
CA ALA A 693 -8.47 -18.14 10.66
C ALA A 693 -7.64 -16.94 11.07
N GLY A 694 -8.32 -15.79 11.24
CA GLY A 694 -7.70 -14.55 11.67
C GLY A 694 -7.12 -13.79 10.47
N TRP A 695 -7.09 -14.45 9.32
CA TRP A 695 -6.60 -13.84 8.08
C TRP A 695 -7.84 -13.60 7.21
N GLY A 696 -8.40 -14.66 6.62
CA GLY A 696 -9.59 -14.59 5.80
C GLY A 696 -10.73 -13.87 6.51
N ASP A 697 -10.74 -13.91 7.84
CA ASP A 697 -11.77 -13.21 8.63
C ASP A 697 -11.81 -11.69 8.49
N ALA A 698 -10.78 -11.10 7.88
CA ALA A 698 -10.81 -9.69 7.54
C ALA A 698 -12.05 -9.33 6.74
N GLY A 699 -12.52 -10.25 5.92
CA GLY A 699 -13.77 -10.09 5.14
C GLY A 699 -15.02 -9.79 5.98
N VAL A 700 -14.99 -10.17 7.26
CA VAL A 700 -16.04 -9.89 8.23
C VAL A 700 -15.68 -8.73 9.18
N THR A 701 -14.45 -8.75 9.70
CA THR A 701 -14.05 -7.83 10.76
C THR A 701 -13.78 -6.43 10.25
N VAL A 702 -13.30 -6.33 9.03
CA VAL A 702 -12.98 -5.01 8.46
C VAL A 702 -14.28 -4.20 8.09
N PRO A 703 -15.27 -4.85 7.45
CA PRO A 703 -16.55 -4.14 7.30
C PRO A 703 -17.13 -3.73 8.65
N TRP A 704 -17.03 -4.61 9.66
CA TRP A 704 -17.58 -4.25 10.96
C TRP A 704 -16.83 -3.09 11.59
N ALA A 705 -15.50 -3.10 11.48
CA ALA A 705 -14.71 -2.01 11.99
C ALA A 705 -15.09 -0.67 11.31
N LEU A 706 -15.32 -0.69 9.99
CA LEU A 706 -15.74 0.55 9.27
C LEU A 706 -17.13 0.96 9.72
N TYR A 707 -18.00 -0.01 9.93
CA TYR A 707 -19.33 0.33 10.42
C TYR A 707 -19.29 1.00 11.82
N GLN A 708 -18.53 0.42 12.75
CA GLN A 708 -18.33 1.02 14.06
C GLN A 708 -17.77 2.46 14.00
N ALA A 709 -16.76 2.68 13.16
CA ALA A 709 -16.13 4.01 13.09
C ALA A 709 -16.95 5.04 12.35
N TYR A 710 -17.61 4.61 11.28
CA TYR A 710 -18.22 5.56 10.35
C TYR A 710 -19.75 5.44 10.29
N GLY A 711 -20.28 4.33 10.80
CA GLY A 711 -21.72 4.11 10.69
C GLY A 711 -22.11 3.82 9.25
N ASP A 712 -21.15 3.35 8.45
CA ASP A 712 -21.35 3.11 7.02
C ASP A 712 -22.16 1.85 6.76
N ARG A 713 -23.48 1.99 6.53
CA ARG A 713 -24.35 0.82 6.33
C ARG A 713 -24.09 0.18 4.98
N GLN A 714 -23.65 0.95 3.99
CA GLN A 714 -23.44 0.38 2.67
C GLN A 714 -22.29 -0.65 2.67
N VAL A 715 -21.28 -0.41 3.49
CA VAL A 715 -20.16 -1.33 3.61
C VAL A 715 -20.67 -2.70 4.12
N LEU A 716 -21.62 -2.68 5.05
CA LEU A 716 -22.18 -3.95 5.56
C LEU A 716 -23.03 -4.64 4.51
N ALA A 717 -23.91 -3.89 3.86
CA ALA A 717 -24.74 -4.48 2.81
C ALA A 717 -23.91 -5.15 1.71
N ASP A 718 -22.78 -4.53 1.33
CA ASP A 718 -21.97 -5.05 0.24
C ASP A 718 -21.13 -6.25 0.67
N ALA A 719 -20.89 -6.40 1.98
CA ALA A 719 -20.03 -7.45 2.55
C ALA A 719 -20.86 -8.68 2.92
N LEU A 720 -22.12 -8.47 3.29
CA LEU A 720 -22.86 -9.58 3.93
C LEU A 720 -22.96 -10.89 3.10
N PRO A 721 -23.25 -10.83 1.77
CA PRO A 721 -23.24 -12.09 0.97
C PRO A 721 -21.91 -12.85 0.94
N SER A 722 -20.78 -12.12 0.86
CA SER A 722 -19.45 -12.76 0.93
C SER A 722 -19.21 -13.38 2.31
N VAL A 723 -19.76 -12.74 3.35
CA VAL A 723 -19.65 -13.21 4.74
C VAL A 723 -20.43 -14.54 4.87
N HIS A 724 -21.66 -14.57 4.34
CA HIS A 724 -22.46 -15.82 4.27
C HIS A 724 -21.66 -16.94 3.61
N ALA A 725 -21.03 -16.64 2.47
CA ALA A 725 -20.28 -17.66 1.74
C ALA A 725 -19.07 -18.14 2.53
N TRP A 726 -18.45 -17.24 3.31
CA TRP A 726 -17.29 -17.56 4.15
C TRP A 726 -17.74 -18.49 5.26
N LEU A 727 -18.88 -18.17 5.88
CA LEU A 727 -19.36 -19.00 7.02
C LEU A 727 -19.73 -20.40 6.55
N ARG A 728 -20.30 -20.47 5.35
CA ARG A 728 -20.66 -21.73 4.72
C ARG A 728 -19.41 -22.56 4.44
N TYR A 729 -18.37 -21.90 3.91
CA TYR A 729 -17.06 -22.52 3.75
C TYR A 729 -16.52 -23.04 5.09
N LEU A 730 -16.63 -22.25 6.14
CA LEU A 730 -16.04 -22.61 7.41
C LEU A 730 -16.78 -23.78 8.07
N GLU A 731 -18.10 -23.82 7.90
CA GLU A 731 -18.89 -24.94 8.43
C GLU A 731 -18.56 -26.24 7.70
N LYS A 732 -18.39 -26.16 6.38
CA LYS A 732 -17.99 -27.33 5.60
C LYS A 732 -16.61 -27.87 6.02
N HIS A 733 -15.68 -26.95 6.30
CA HIS A 733 -14.34 -27.30 6.78
C HIS A 733 -14.18 -27.26 8.29
N SER A 734 -15.05 -28.02 8.97
CA SER A 734 -15.03 -28.19 10.43
C SER A 734 -15.70 -29.53 10.77
N ASP A 735 -15.46 -30.00 12.00
CA ASP A 735 -16.02 -31.28 12.45
C ASP A 735 -16.73 -31.00 13.78
N GLY A 736 -18.07 -31.12 13.79
CA GLY A 736 -18.91 -30.68 14.92
C GLY A 736 -18.58 -29.27 15.33
N LEU A 737 -18.27 -28.45 14.33
CA LEU A 737 -17.97 -27.02 14.45
C LEU A 737 -16.57 -26.68 14.97
N LEU A 738 -15.74 -27.72 15.20
CA LEU A 738 -14.38 -27.49 15.63
C LEU A 738 -13.54 -27.37 14.39
N ARG A 739 -12.67 -26.35 14.35
CA ARG A 739 -11.85 -26.14 13.17
C ARG A 739 -10.48 -26.83 13.30
N PRO A 740 -9.88 -27.23 12.15
CA PRO A 740 -8.54 -27.84 12.14
C PRO A 740 -7.46 -26.95 12.76
N ALA A 741 -6.40 -27.55 13.30
CA ALA A 741 -5.29 -26.77 13.84
C ALA A 741 -4.32 -26.36 12.71
N ASP A 742 -4.85 -25.63 11.73
CA ASP A 742 -4.06 -25.13 10.61
C ASP A 742 -3.99 -23.61 10.70
N GLY A 743 -3.13 -23.00 9.89
CA GLY A 743 -3.08 -21.54 9.78
C GLY A 743 -1.86 -20.92 10.40
N TYR A 744 -1.78 -19.59 10.36
CA TYR A 744 -0.66 -18.88 10.95
C TYR A 744 -0.70 -18.82 12.48
N GLY A 745 -1.91 -18.89 13.06
CA GLY A 745 -2.11 -18.77 14.50
C GLY A 745 -1.81 -17.38 15.04
N ASP A 746 -1.45 -17.32 16.31
CA ASP A 746 -1.05 -16.08 16.95
C ASP A 746 0.39 -15.75 16.53
N TRP A 747 0.55 -15.50 15.23
CA TRP A 747 1.82 -15.18 14.59
C TRP A 747 2.77 -14.30 15.40
N LEU A 748 4.03 -14.74 15.52
CA LEU A 748 5.08 -13.95 16.18
C LEU A 748 4.81 -13.62 17.66
N ASN A 749 4.08 -14.51 18.34
CA ASN A 749 4.03 -14.48 19.80
C ASN A 749 5.45 -14.65 20.41
N VAL A 750 5.63 -14.25 21.66
CA VAL A 750 6.92 -14.39 22.36
C VAL A 750 6.95 -15.70 23.15
N SER A 751 7.35 -16.77 22.45
CA SER A 751 7.43 -18.13 23.03
CA SER A 751 7.43 -18.13 23.01
C SER A 751 6.24 -18.48 23.93
N ASP A 752 5.04 -18.35 23.37
CA ASP A 752 3.80 -18.63 24.09
C ASP A 752 2.80 -18.99 22.98
N GLU A 753 2.97 -20.17 22.40
CA GLU A 753 2.24 -20.60 21.22
C GLU A 753 0.84 -21.18 21.50
N THR A 754 -0.19 -20.44 21.13
CA THR A 754 -1.58 -20.92 21.25
C THR A 754 -1.89 -21.96 20.20
N PRO A 755 -2.49 -23.11 20.62
CA PRO A 755 -2.97 -24.14 19.71
C PRO A 755 -3.88 -23.57 18.62
N LYS A 756 -3.56 -23.90 17.37
CA LYS A 756 -4.24 -23.32 16.22
C LYS A 756 -5.70 -23.71 16.09
N ASP A 757 -6.11 -24.86 16.65
CA ASP A 757 -7.54 -25.24 16.63
C ASP A 757 -8.39 -24.38 17.59
N VAL A 758 -7.84 -23.97 18.72
CA VAL A 758 -8.48 -23.01 19.63
C VAL A 758 -8.67 -21.68 18.87
N ILE A 759 -7.61 -21.23 18.21
CA ILE A 759 -7.67 -19.99 17.41
C ILE A 759 -8.70 -20.07 16.30
N ALA A 760 -8.64 -21.14 15.52
CA ALA A 760 -9.51 -21.28 14.37
C ALA A 760 -10.97 -21.39 14.76
N THR A 761 -11.25 -22.17 15.81
CA THR A 761 -12.64 -22.29 16.23
C THR A 761 -13.13 -20.96 16.86
N ALA A 762 -12.27 -20.22 17.57
CA ALA A 762 -12.64 -18.93 18.14
C ALA A 762 -13.01 -17.93 17.03
N TYR A 763 -12.19 -17.89 15.99
CA TYR A 763 -12.46 -16.99 14.85
C TYR A 763 -13.74 -17.34 14.06
N PHE A 764 -14.03 -18.64 13.93
CA PHE A 764 -15.25 -19.12 13.29
C PHE A 764 -16.49 -18.58 14.03
N ALA A 765 -16.53 -18.79 15.35
CA ALA A 765 -17.60 -18.26 16.20
C ALA A 765 -17.73 -16.76 16.09
N HIS A 766 -16.60 -16.05 16.16
CA HIS A 766 -16.61 -14.59 16.11
C HIS A 766 -17.19 -14.08 14.80
N SER A 767 -16.79 -14.73 13.70
CA SER A 767 -17.38 -14.40 12.39
C SER A 767 -18.90 -14.63 12.35
N ALA A 768 -19.38 -15.72 12.94
CA ALA A 768 -20.82 -15.96 13.05
C ALA A 768 -21.53 -14.87 13.87
N ASP A 769 -20.88 -14.46 14.95
CA ASP A 769 -21.37 -13.40 15.86
C ASP A 769 -21.49 -12.09 15.08
N LEU A 770 -20.41 -11.74 14.38
CA LEU A 770 -20.46 -10.49 13.63
C LEU A 770 -21.50 -10.52 12.53
N ALA A 771 -21.62 -11.66 11.85
CA ALA A 771 -22.62 -11.75 10.80
C ALA A 771 -24.03 -11.50 11.37
N ALA A 772 -24.31 -12.00 12.58
CA ALA A 772 -25.62 -11.75 13.21
C ALA A 772 -25.80 -10.26 13.52
N ARG A 773 -24.73 -9.61 13.96
CA ARG A 773 -24.76 -8.19 14.26
C ARG A 773 -25.03 -7.39 12.99
N MET A 774 -24.41 -7.79 11.88
CA MET A 774 -24.62 -7.13 10.56
C MET A 774 -26.06 -7.30 10.09
N ALA A 775 -26.57 -8.53 10.14
CA ALA A 775 -27.94 -8.84 9.71
C ALA A 775 -28.89 -7.93 10.47
N THR A 776 -28.62 -7.81 11.78
CA THR A 776 -29.43 -7.00 12.69
C THR A 776 -29.40 -5.51 12.30
N GLU A 777 -28.21 -4.95 12.11
CA GLU A 777 -28.12 -3.55 11.66
C GLU A 777 -28.83 -3.28 10.35
N LEU A 778 -28.83 -4.26 9.46
CA LEU A 778 -29.45 -4.09 8.14
C LEU A 778 -30.95 -4.44 8.12
N GLY A 779 -31.51 -4.76 9.29
CA GLY A 779 -32.93 -5.18 9.39
C GLY A 779 -33.20 -6.49 8.68
N LYS A 780 -32.20 -7.34 8.54
CA LYS A 780 -32.35 -8.65 7.93
C LYS A 780 -32.61 -9.68 9.04
N ASP A 781 -32.91 -10.92 8.65
CA ASP A 781 -33.17 -11.99 9.61
C ASP A 781 -31.87 -12.57 10.21
N ALA A 782 -31.65 -12.30 11.49
CA ALA A 782 -30.38 -12.64 12.14
C ALA A 782 -30.38 -14.02 12.76
N ALA A 783 -31.56 -14.63 12.90
CA ALA A 783 -31.71 -15.90 13.65
C ALA A 783 -30.79 -17.04 13.20
N PRO A 784 -30.66 -17.27 11.86
CA PRO A 784 -29.70 -18.29 11.41
C PRO A 784 -28.27 -18.08 11.91
N TYR A 785 -27.79 -16.83 11.87
CA TYR A 785 -26.44 -16.53 12.34
C TYR A 785 -26.30 -16.58 13.85
N THR A 786 -27.32 -16.11 14.55
CA THR A 786 -27.28 -16.14 16.01
C THR A 786 -27.24 -17.60 16.48
N ASP A 787 -28.03 -18.43 15.82
CA ASP A 787 -28.10 -19.85 16.13
C ASP A 787 -26.76 -20.54 15.84
N LEU A 788 -26.15 -20.19 14.70
CA LEU A 788 -24.81 -20.70 14.37
C LEU A 788 -23.79 -20.33 15.42
N PHE A 789 -23.77 -19.04 15.81
CA PHE A 789 -22.88 -18.55 16.88
C PHE A 789 -23.06 -19.32 18.18
N THR A 790 -24.32 -19.44 18.62
CA THR A 790 -24.69 -20.25 19.82
C THR A 790 -24.09 -21.67 19.76
N ARG A 791 -24.23 -22.32 18.62
CA ARG A 791 -23.75 -23.71 18.46
C ARG A 791 -22.24 -23.83 18.45
N ILE A 792 -21.54 -22.87 17.84
CA ILE A 792 -20.09 -22.87 17.89
C ILE A 792 -19.54 -22.56 19.25
N ARG A 793 -20.13 -21.56 19.92
CA ARG A 793 -19.71 -21.22 21.28
C ARG A 793 -19.83 -22.45 22.20
N LYS A 794 -20.90 -23.23 22.04
CA LYS A 794 -21.10 -24.41 22.91
C LYS A 794 -20.04 -25.48 22.61
N ALA A 795 -19.85 -25.78 21.33
CA ALA A 795 -18.82 -26.70 20.90
C ALA A 795 -17.45 -26.19 21.35
N PHE A 796 -17.21 -24.88 21.23
CA PHE A 796 -15.96 -24.31 21.69
C PHE A 796 -15.71 -24.51 23.18
N GLN A 797 -16.73 -24.24 24.00
CA GLN A 797 -16.54 -24.26 25.46
C GLN A 797 -16.29 -25.68 25.91
N THR A 798 -17.01 -26.61 25.31
CA THR A 798 -16.84 -28.03 25.62
C THR A 798 -15.44 -28.54 25.30
N ALA A 799 -14.87 -28.06 24.20
CA ALA A 799 -13.61 -28.59 23.69
C ALA A 799 -12.41 -27.98 24.40
N TYR A 800 -12.47 -26.69 24.73
CA TYR A 800 -11.29 -25.96 25.14
C TYR A 800 -11.32 -25.26 26.50
N VAL A 801 -12.49 -25.19 27.14
CA VAL A 801 -12.60 -24.47 28.39
C VAL A 801 -12.89 -25.48 29.51
N ALA A 802 -12.00 -25.50 30.49
CA ALA A 802 -12.10 -26.41 31.64
C ALA A 802 -12.92 -25.82 32.82
N SER A 803 -13.30 -26.70 33.76
CA SER A 803 -14.19 -26.33 34.87
C SER A 803 -13.68 -25.20 35.72
N ASP A 804 -12.35 -25.03 35.78
CA ASP A 804 -11.75 -23.95 36.54
C ASP A 804 -11.46 -22.72 35.68
N GLY A 805 -11.93 -22.74 34.43
CA GLY A 805 -11.77 -21.61 33.52
C GLY A 805 -10.46 -21.58 32.76
N LYS A 806 -9.70 -22.67 32.82
CA LYS A 806 -8.47 -22.76 32.05
C LYS A 806 -8.81 -23.06 30.60
N VAL A 807 -8.14 -22.35 29.71
CA VAL A 807 -8.34 -22.60 28.29
C VAL A 807 -7.11 -23.33 27.76
N LYS A 808 -7.36 -24.28 26.87
CA LYS A 808 -6.34 -25.08 26.21
C LYS A 808 -5.19 -24.23 25.67
N GLY A 809 -3.99 -24.56 26.13
CA GLY A 809 -2.78 -23.94 25.67
C GLY A 809 -2.27 -23.03 26.75
N ASP A 810 -3.19 -22.57 27.59
CA ASP A 810 -2.86 -21.77 28.76
C ASP A 810 -1.90 -20.63 28.39
N THR A 811 -2.14 -20.01 27.22
CA THR A 811 -1.36 -18.88 26.76
C THR A 811 -2.06 -17.56 27.06
N GLN A 812 -1.32 -16.46 27.08
CA GLN A 812 -1.90 -15.14 27.24
C GLN A 812 -2.99 -14.94 26.15
N SER A 813 -2.64 -15.26 24.90
CA SER A 813 -3.57 -15.11 23.77
C SER A 813 -4.80 -15.99 23.84
N ALA A 814 -4.66 -17.20 24.39
CA ALA A 814 -5.79 -18.11 24.63
C ALA A 814 -6.87 -17.46 25.50
N TYR A 815 -6.46 -16.71 26.52
CA TYR A 815 -7.42 -16.05 27.38
C TYR A 815 -7.92 -14.76 26.76
N VAL A 816 -7.00 -13.97 26.22
CA VAL A 816 -7.38 -12.74 25.53
C VAL A 816 -8.50 -13.02 24.54
N LEU A 817 -8.31 -14.00 23.66
CA LEU A 817 -9.25 -14.22 22.57
C LEU A 817 -10.60 -14.73 23.05
N THR A 818 -10.58 -15.64 24.01
CA THR A 818 -11.83 -16.19 24.55
C THR A 818 -12.60 -15.14 25.32
N LEU A 819 -11.92 -14.29 26.10
CA LEU A 819 -12.60 -13.21 26.82
C LEU A 819 -13.13 -12.15 25.84
N SER A 820 -12.31 -11.81 24.85
CA SER A 820 -12.68 -10.80 23.86
C SER A 820 -13.93 -11.18 23.04
N MET A 821 -13.97 -12.41 22.57
CA MET A 821 -14.98 -12.90 21.66
C MET A 821 -16.18 -13.50 22.39
N ASN A 822 -16.19 -13.34 23.70
CA ASN A 822 -17.29 -13.77 24.59
C ASN A 822 -17.51 -15.26 24.49
N LEU A 823 -16.40 -16.00 24.54
CA LEU A 823 -16.42 -17.45 24.41
C LEU A 823 -16.36 -18.18 25.76
N VAL A 824 -15.79 -17.53 26.79
CA VAL A 824 -15.73 -18.13 28.14
C VAL A 824 -17.15 -18.11 28.71
N PRO A 825 -17.63 -19.24 29.29
CA PRO A 825 -18.91 -19.10 30.01
C PRO A 825 -18.83 -17.96 31.05
N ASP A 826 -19.93 -17.22 31.23
CA ASP A 826 -19.89 -16.03 32.08
C ASP A 826 -19.47 -16.32 33.50
N ALA A 827 -19.85 -17.49 34.01
CA ALA A 827 -19.48 -17.94 35.35
C ALA A 827 -17.98 -18.03 35.52
N LEU A 828 -17.25 -18.13 34.40
CA LEU A 828 -15.81 -18.39 34.43
C LEU A 828 -14.96 -17.25 33.91
N ARG A 829 -15.57 -16.11 33.57
CA ARG A 829 -14.80 -14.97 33.08
C ARG A 829 -13.80 -14.42 34.11
N LYS A 830 -14.24 -14.30 35.35
CA LYS A 830 -13.36 -13.88 36.43
C LYS A 830 -12.12 -14.78 36.51
N ALA A 831 -12.34 -16.10 36.52
CA ALA A 831 -11.25 -17.08 36.60
C ALA A 831 -10.31 -16.98 35.40
N ALA A 832 -10.88 -16.86 34.20
CA ALA A 832 -10.08 -16.76 32.97
C ALA A 832 -9.25 -15.49 32.98
N ALA A 833 -9.84 -14.38 33.43
CA ALA A 833 -9.12 -13.12 33.51
C ALA A 833 -8.05 -13.11 34.61
N ASP A 834 -8.36 -13.73 35.75
CA ASP A 834 -7.39 -13.88 36.85
C ASP A 834 -6.14 -14.63 36.36
N ARG A 835 -6.35 -15.70 35.61
CA ARG A 835 -5.31 -16.53 35.02
C ARG A 835 -4.45 -15.76 33.99
N LEU A 836 -5.08 -14.85 33.26
CA LEU A 836 -4.37 -14.01 32.29
C LEU A 836 -3.41 -13.11 33.01
N VAL A 837 -3.90 -12.44 34.05
CA VAL A 837 -3.12 -11.56 34.88
C VAL A 837 -1.96 -12.33 35.53
N ALA A 838 -2.23 -13.57 35.89
CA ALA A 838 -1.24 -14.43 36.53
C ALA A 838 -0.09 -14.73 35.58
N LEU A 839 -0.43 -14.99 34.31
CA LEU A 839 0.57 -15.26 33.26
C LEU A 839 1.42 -14.04 32.93
N ILE A 840 0.78 -12.86 32.95
CA ILE A 840 1.48 -11.58 32.75
C ILE A 840 2.45 -11.29 33.92
N GLU A 841 1.95 -11.43 35.15
CA GLU A 841 2.77 -11.28 36.36
C GLU A 841 3.98 -12.22 36.32
N ALA A 842 3.75 -13.48 35.93
CA ALA A 842 4.81 -14.49 35.84
C ALA A 842 5.90 -14.15 34.82
N LYS A 843 5.55 -13.35 33.81
CA LYS A 843 6.51 -12.91 32.81
C LYS A 843 7.13 -11.57 33.21
N ASP A 844 7.12 -11.27 34.51
CA ASP A 844 7.64 -10.00 35.05
C ASP A 844 6.93 -8.78 34.42
N TRP A 845 5.60 -8.91 34.30
CA TRP A 845 4.72 -7.88 33.76
C TRP A 845 5.08 -7.54 32.32
N HIS A 846 5.20 -8.57 31.49
CA HIS A 846 5.39 -8.41 30.05
C HIS A 846 4.32 -9.21 29.32
N LEU A 847 3.89 -8.68 28.18
CA LEU A 847 3.00 -9.42 27.30
C LEU A 847 3.73 -10.59 26.65
N SER A 848 2.98 -11.53 26.10
CA SER A 848 3.59 -12.60 25.34
C SER A 848 2.83 -12.84 24.03
N THR A 849 1.89 -11.97 23.75
CA THR A 849 0.96 -12.18 22.63
C THR A 849 1.58 -11.86 21.26
N GLY A 850 1.15 -12.58 20.23
CA GLY A 850 1.46 -12.28 18.81
C GLY A 850 0.43 -11.39 18.10
N PHE A 851 0.33 -11.53 16.77
CA PHE A 851 -0.54 -10.69 15.94
C PHE A 851 -2.01 -10.66 16.32
N LEU A 852 -2.54 -11.83 16.68
CA LEU A 852 -3.97 -11.98 16.93
C LEU A 852 -4.39 -11.64 18.37
N GLY A 853 -3.52 -11.99 19.32
CA GLY A 853 -3.71 -11.62 20.73
C GLY A 853 -3.48 -10.17 21.08
N THR A 854 -2.45 -9.54 20.49
CA THR A 854 -2.07 -8.17 20.88
C THR A 854 -3.17 -7.10 20.78
N PRO A 855 -3.94 -7.05 19.66
CA PRO A 855 -4.92 -5.97 19.54
C PRO A 855 -6.03 -6.04 20.58
N ARG A 856 -6.27 -7.24 21.12
CA ARG A 856 -7.36 -7.45 22.09
C ARG A 856 -6.88 -7.47 23.55
N LEU A 857 -5.57 -7.42 23.77
CA LEU A 857 -5.03 -7.63 25.13
C LEU A 857 -5.35 -6.50 26.12
N LEU A 858 -5.00 -5.27 25.78
CA LEU A 858 -5.26 -4.17 26.70
C LEU A 858 -6.77 -3.95 26.87
N PRO A 859 -7.56 -4.04 25.77
CA PRO A 859 -9.04 -3.97 25.94
C PRO A 859 -9.65 -5.05 26.89
N VAL A 860 -9.25 -6.30 26.73
CA VAL A 860 -9.70 -7.39 27.63
C VAL A 860 -9.30 -7.11 29.09
N LEU A 861 -8.06 -6.68 29.29
CA LEU A 861 -7.59 -6.30 30.62
C LEU A 861 -8.47 -5.21 31.25
N THR A 862 -8.84 -4.21 30.45
CA THR A 862 -9.69 -3.13 30.94
C THR A 862 -11.12 -3.62 31.17
N ASP A 863 -11.61 -4.49 30.30
CA ASP A 863 -13.00 -4.99 30.40
C ASP A 863 -13.21 -5.76 31.68
N THR A 864 -12.17 -6.46 32.11
CA THR A 864 -12.27 -7.37 33.25
C THR A 864 -11.79 -6.70 34.54
N GLY A 865 -11.60 -5.39 34.51
CA GLY A 865 -11.26 -4.63 35.72
C GLY A 865 -9.78 -4.53 36.06
N HIS A 866 -8.93 -4.70 35.05
CA HIS A 866 -7.49 -4.61 35.24
C HIS A 866 -6.80 -3.55 34.39
N THR A 867 -7.38 -2.34 34.35
CA THR A 867 -6.77 -1.19 33.69
C THR A 867 -5.38 -0.89 34.23
N ASP A 868 -5.20 -1.04 35.55
CA ASP A 868 -3.88 -0.84 36.18
C ASP A 868 -2.79 -1.73 35.58
N VAL A 869 -3.12 -3.00 35.30
CA VAL A 869 -2.27 -3.95 34.62
C VAL A 869 -2.05 -3.56 33.15
N ALA A 870 -3.08 -3.02 32.52
CA ALA A 870 -2.95 -2.55 31.13
C ALA A 870 -1.92 -1.45 31.09
N TYR A 871 -1.99 -0.51 32.03
CA TYR A 871 -1.03 0.57 32.07
C TYR A 871 0.39 0.06 32.31
N ARG A 872 0.51 -1.02 33.10
CA ARG A 872 1.82 -1.58 33.42
C ARG A 872 2.49 -2.06 32.14
N LEU A 873 1.73 -2.83 31.36
CA LEU A 873 2.16 -3.26 30.04
C LEU A 873 2.45 -2.09 29.11
N LEU A 874 1.59 -1.07 29.15
CA LEU A 874 1.71 0.07 28.25
C LEU A 874 3.01 0.85 28.48
N HIS A 875 3.35 1.07 29.77
CA HIS A 875 4.51 1.89 30.14
C HIS A 875 5.81 1.10 30.24
N GLN A 876 5.70 -0.22 30.09
CA GLN A 876 6.83 -1.14 30.14
C GLN A 876 7.91 -0.73 29.11
N ARG A 877 9.17 -0.67 29.55
CA ARG A 877 10.28 -0.26 28.66
C ARG A 877 11.22 -1.42 28.30
N THR A 878 11.18 -2.50 29.07
CA THR A 878 12.09 -3.61 28.80
C THR A 878 11.41 -4.60 27.87
N PHE A 879 12.20 -5.45 27.21
CA PHE A 879 11.66 -6.41 26.22
C PHE A 879 10.87 -7.60 26.81
N PRO A 880 9.76 -8.05 26.14
CA PRO A 880 9.03 -7.44 25.00
C PRO A 880 8.03 -6.38 25.43
N SER A 881 7.89 -5.33 24.63
CA SER A 881 7.02 -4.21 24.96
C SER A 881 6.94 -3.25 23.76
N TRP A 882 6.08 -2.24 23.86
CA TRP A 882 6.06 -1.15 22.90
C TRP A 882 7.21 -0.18 23.20
N GLY A 883 7.59 -0.09 24.46
CA GLY A 883 8.62 0.83 24.90
C GLY A 883 10.00 0.38 24.45
N TYR A 884 10.21 -0.93 24.43
CA TYR A 884 11.52 -1.48 24.07
C TYR A 884 12.00 -0.93 22.70
N PRO A 885 11.20 -1.09 21.62
CA PRO A 885 11.63 -0.58 20.30
C PRO A 885 11.80 0.92 20.25
N ILE A 886 10.94 1.65 20.96
CA ILE A 886 11.03 3.10 21.06
C ILE A 886 12.35 3.56 21.66
N ASP A 887 12.80 2.85 22.70
CA ASP A 887 14.10 3.14 23.32
C ASP A 887 15.28 2.86 22.37
N LYS A 888 15.06 1.97 21.40
CA LYS A 888 16.04 1.69 20.34
C LYS A 888 15.91 2.60 19.13
N GLY A 889 15.16 3.69 19.27
CA GLY A 889 15.04 4.69 18.21
C GLY A 889 13.98 4.38 17.14
N SER A 890 13.08 3.43 17.40
CA SER A 890 11.99 3.12 16.43
C SER A 890 11.18 4.36 16.10
N THR A 891 10.77 4.51 14.84
CA THR A 891 9.87 5.58 14.45
C THR A 891 8.63 5.01 13.75
N THR A 892 8.55 3.68 13.69
CA THR A 892 7.40 2.94 13.14
C THR A 892 7.27 1.71 14.01
N MET A 893 6.27 0.87 13.73
CA MET A 893 6.11 -0.38 14.48
C MET A 893 6.84 -1.47 13.74
N TRP A 894 7.54 -2.32 14.48
CA TRP A 894 8.28 -3.43 13.86
C TRP A 894 7.44 -4.69 13.68
N GLU A 895 7.83 -5.52 12.71
CA GLU A 895 7.21 -6.80 12.49
C GLU A 895 7.28 -7.71 13.73
N ARG A 896 8.40 -7.66 14.46
CA ARG A 896 8.66 -8.57 15.61
C ARG A 896 8.88 -7.78 16.87
N TRP A 897 8.52 -8.36 18.02
CA TRP A 897 8.87 -7.70 19.27
C TRP A 897 10.40 -7.47 19.39
N ASP A 898 11.15 -8.37 18.77
CA ASP A 898 12.63 -8.33 18.81
C ASP A 898 13.27 -8.12 17.45
N SER A 899 12.71 -7.28 16.59
CA SER A 899 13.35 -7.09 15.27
C SER A 899 14.82 -6.68 15.40
N ILE A 900 15.12 -5.82 16.38
CA ILE A 900 16.45 -5.69 16.95
C ILE A 900 16.40 -6.44 18.29
N GLN A 901 17.29 -7.41 18.48
CA GLN A 901 17.28 -8.23 19.70
C GLN A 901 18.01 -7.56 20.86
N PRO A 902 17.75 -8.02 22.12
CA PRO A 902 18.33 -7.39 23.31
C PRO A 902 19.86 -7.39 23.32
N ASP A 903 20.48 -8.34 22.62
CA ASP A 903 21.96 -8.38 22.45
C ASP A 903 22.47 -7.38 21.43
N GLY A 904 21.56 -6.77 20.67
CA GLY A 904 21.93 -5.75 19.69
C GLY A 904 21.86 -6.22 18.24
N GLY A 905 21.86 -7.53 18.00
CA GLY A 905 21.80 -8.06 16.64
C GLY A 905 20.40 -7.95 16.04
N PHE A 906 20.30 -8.21 14.74
CA PHE A 906 18.99 -8.24 14.06
C PHE A 906 18.42 -9.64 14.08
N GLN A 907 17.09 -9.71 14.07
CA GLN A 907 16.43 -10.96 13.84
C GLN A 907 16.73 -11.43 12.43
N THR A 908 16.24 -12.61 12.06
CA THR A 908 16.62 -13.20 10.79
C THR A 908 16.10 -12.40 9.58
N PRO A 909 17.01 -12.04 8.64
CA PRO A 909 16.63 -11.34 7.41
C PRO A 909 15.71 -12.15 6.51
N GLU A 910 15.48 -13.42 6.84
CA GLU A 910 14.53 -14.21 6.09
C GLU A 910 13.13 -13.64 6.24
N MET A 911 12.87 -13.01 7.39
CA MET A 911 11.61 -12.28 7.60
C MET A 911 11.74 -11.32 8.77
N ASN A 912 12.08 -10.05 8.49
CA ASN A 912 12.28 -9.06 9.52
C ASN A 912 12.10 -7.61 9.11
N SER A 913 10.85 -7.17 9.09
CA SER A 913 10.53 -5.78 8.70
C SER A 913 10.50 -4.80 9.89
N PHE A 914 10.91 -3.56 9.64
CA PHE A 914 10.82 -2.52 10.66
C PHE A 914 9.62 -1.59 10.49
N ASN A 915 8.63 -2.03 9.72
CA ASN A 915 7.45 -1.21 9.41
C ASN A 915 6.23 -2.07 9.04
N HIS A 916 5.72 -2.83 10.02
CA HIS A 916 4.42 -3.54 9.94
C HIS A 916 3.48 -2.86 10.92
N TYR A 917 2.26 -2.54 10.53
CA TYR A 917 1.39 -1.84 11.47
C TYR A 917 0.75 -2.70 12.57
N ALA A 918 0.87 -4.03 12.47
CA ALA A 918 0.08 -4.95 13.33
C ALA A 918 0.13 -4.61 14.83
N TYR A 919 1.35 -4.43 15.37
CA TYR A 919 1.48 -4.11 16.80
C TYR A 919 1.10 -2.66 17.16
N GLY A 920 0.89 -1.82 16.15
CA GLY A 920 0.27 -0.50 16.35
C GLY A 920 -1.21 -0.57 16.73
N SER A 921 -1.76 -1.79 16.77
CA SER A 921 -3.17 -2.01 17.20
C SER A 921 -3.45 -1.63 18.64
N VAL A 922 -2.41 -1.37 19.41
CA VAL A 922 -2.51 -0.80 20.76
C VAL A 922 -3.12 0.61 20.74
N GLY A 923 -3.01 1.27 19.58
CA GLY A 923 -3.53 2.62 19.39
C GLY A 923 -4.97 2.74 19.83
N GLU A 924 -5.82 1.81 19.43
CA GLU A 924 -7.25 1.94 19.70
C GLU A 924 -7.53 1.93 21.20
N TRP A 925 -6.73 1.19 21.97
CA TRP A 925 -6.87 1.20 23.43
C TRP A 925 -6.53 2.57 24.01
N MET A 926 -5.47 3.20 23.51
CA MET A 926 -5.13 4.51 23.96
C MET A 926 -6.23 5.53 23.63
N TYR A 927 -6.81 5.44 22.44
CA TYR A 927 -7.73 6.48 21.99
C TYR A 927 -9.03 6.33 22.76
N ALA A 928 -9.43 5.09 23.02
CA ALA A 928 -10.66 4.78 23.74
C ALA A 928 -10.57 5.05 25.25
N ASN A 929 -9.38 4.86 25.82
CA ASN A 929 -9.22 4.85 27.29
C ASN A 929 -8.39 5.97 27.89
N ILE A 930 -7.37 6.44 27.17
CA ILE A 930 -6.61 7.56 27.67
C ILE A 930 -7.26 8.83 27.17
N ALA A 931 -7.52 8.90 25.85
CA ALA A 931 -8.27 10.02 25.30
C ALA A 931 -9.77 9.93 25.69
N GLY A 932 -10.27 8.71 25.88
CA GLY A 932 -11.66 8.54 26.29
C GLY A 932 -12.66 8.86 25.19
N ILE A 933 -12.38 8.37 23.98
CA ILE A 933 -13.25 8.61 22.82
C ILE A 933 -13.53 7.28 22.16
N ALA A 934 -14.77 6.80 22.26
CA ALA A 934 -15.12 5.48 21.70
C ALA A 934 -16.58 5.54 21.25
N PRO A 935 -16.96 4.72 20.26
CA PRO A 935 -18.35 4.86 19.80
C PRO A 935 -19.34 4.06 20.66
N GLY A 936 -20.29 4.75 21.30
CA GLY A 936 -21.40 4.08 22.01
C GLY A 936 -22.46 3.53 21.06
N ARG A 937 -22.69 4.26 19.97
CA ARG A 937 -23.45 3.73 18.86
C ARG A 937 -22.60 3.89 17.60
N ALA A 938 -22.86 3.05 16.59
CA ALA A 938 -22.06 3.03 15.38
C ALA A 938 -21.92 4.41 14.77
N GLY A 939 -20.71 4.71 14.36
CA GLY A 939 -20.41 6.00 13.73
C GLY A 939 -20.38 7.17 14.69
N TYR A 940 -20.32 6.89 16.01
CA TYR A 940 -20.25 7.94 17.04
C TYR A 940 -21.54 8.80 17.12
N ARG A 941 -22.66 8.25 16.68
N ARG A 941 -22.66 8.26 16.67
CA ARG A 941 -23.96 8.87 16.92
CA ARG A 941 -23.97 8.88 16.92
C ARG A 941 -24.14 9.11 18.42
C ARG A 941 -24.16 9.11 18.42
N GLN A 942 -23.61 8.20 19.22
CA GLN A 942 -23.40 8.40 20.64
C GLN A 942 -21.92 8.15 20.84
N VAL A 943 -21.25 9.03 21.58
CA VAL A 943 -19.84 8.84 21.94
C VAL A 943 -19.75 8.49 23.44
N VAL A 944 -19.03 7.42 23.77
CA VAL A 944 -18.72 7.13 25.17
C VAL A 944 -17.41 7.82 25.53
N ILE A 945 -17.48 8.74 26.49
CA ILE A 945 -16.34 9.48 26.99
C ILE A 945 -15.98 8.96 28.37
N ARG A 946 -15.00 8.06 28.39
CA ARG A 946 -14.63 7.34 29.60
C ARG A 946 -13.08 7.30 29.73
N PRO A 947 -12.46 8.47 30.01
CA PRO A 947 -11.02 8.49 30.29
C PRO A 947 -10.75 7.73 31.59
N ARG A 948 -9.75 6.86 31.57
CA ARG A 948 -9.36 6.14 32.76
C ARG A 948 -7.92 6.47 33.11
N PRO A 949 -7.68 7.52 33.91
CA PRO A 949 -6.33 7.87 34.35
C PRO A 949 -5.68 6.69 35.05
N GLY A 950 -4.35 6.63 35.02
CA GLY A 950 -3.61 5.45 35.43
C GLY A 950 -2.17 5.60 34.96
N GLY A 951 -1.34 4.62 35.29
CA GLY A 951 0.08 4.69 34.94
C GLY A 951 0.67 6.07 35.22
N GLU A 952 1.35 6.65 34.24
CA GLU A 952 2.03 7.91 34.43
C GLU A 952 1.25 9.02 33.79
N VAL A 953 0.03 8.73 33.33
CA VAL A 953 -0.74 9.73 32.60
C VAL A 953 -1.56 10.58 33.57
N THR A 954 -1.30 11.87 33.62
CA THR A 954 -2.10 12.75 34.47
C THR A 954 -2.79 13.82 33.65
N SER A 955 -2.69 13.69 32.33
CA SER A 955 -2.99 14.80 31.46
C SER A 955 -3.11 14.23 30.06
N ALA A 956 -4.21 14.52 29.36
CA ALA A 956 -4.39 14.12 27.96
C ALA A 956 -5.33 15.04 27.22
N ARG A 957 -5.11 15.17 25.92
CA ARG A 957 -5.99 15.96 25.08
C ARG A 957 -6.05 15.27 23.71
N ALA A 958 -7.24 15.27 23.11
CA ALA A 958 -7.44 14.59 21.83
C ALA A 958 -8.53 15.27 21.01
N THR A 959 -8.43 15.18 19.69
CA THR A 959 -9.55 15.55 18.83
C THR A 959 -9.69 14.48 17.73
N PHE A 960 -10.89 13.91 17.62
CA PHE A 960 -11.20 12.94 16.59
C PHE A 960 -12.11 13.61 15.56
N ALA A 961 -11.71 13.58 14.29
CA ALA A 961 -12.51 14.17 13.21
C ALA A 961 -13.56 13.16 12.78
N SER A 962 -14.67 13.07 13.51
CA SER A 962 -15.72 12.13 13.15
C SER A 962 -16.50 12.64 11.94
N LEU A 963 -17.34 11.76 11.34
CA LEU A 963 -18.22 12.22 10.23
C LEU A 963 -19.22 13.33 10.63
N HIS A 964 -19.63 13.35 11.90
CA HIS A 964 -20.53 14.40 12.41
C HIS A 964 -19.78 15.69 12.77
N GLY A 965 -18.44 15.65 12.71
CA GLY A 965 -17.59 16.80 13.08
C GLY A 965 -16.69 16.45 14.27
N PRO A 966 -15.97 17.46 14.80
CA PRO A 966 -14.95 17.12 15.82
C PRO A 966 -15.52 16.64 17.16
N VAL A 967 -14.92 15.57 17.67
CA VAL A 967 -15.18 15.07 19.01
C VAL A 967 -13.88 15.30 19.78
N SER A 968 -13.90 16.21 20.75
CA SER A 968 -12.68 16.55 21.50
C SER A 968 -12.78 16.26 22.98
N THR A 969 -11.64 15.92 23.58
CA THR A 969 -11.51 15.73 25.02
C THR A 969 -10.23 16.39 25.53
N ARG A 970 -10.26 16.84 26.79
CA ARG A 970 -9.09 17.35 27.46
C ARG A 970 -9.32 17.15 28.94
N TRP A 971 -8.46 16.37 29.58
CA TRP A 971 -8.58 16.15 31.01
C TRP A 971 -7.24 16.29 31.73
N GLN A 972 -7.32 16.64 33.01
CA GLN A 972 -6.15 16.88 33.84
C GLN A 972 -6.45 16.46 35.27
N GLN A 973 -5.54 15.67 35.85
CA GLN A 973 -5.50 15.42 37.30
C GLN A 973 -4.45 16.33 37.94
N ARG A 974 -4.88 17.17 38.89
CA ARG A 974 -3.94 17.97 39.66
C ARG A 974 -4.44 18.28 41.05
N SER A 975 -3.48 18.40 41.97
CA SER A 975 -3.73 18.54 43.43
C SER A 975 -5.06 17.97 43.93
N GLY A 976 -5.26 16.67 43.71
CA GLY A 976 -6.46 15.99 44.17
C GLY A 976 -7.63 16.10 43.20
N GLY A 977 -7.65 17.21 42.44
CA GLY A 977 -8.74 17.56 41.53
C GLY A 977 -8.65 16.98 40.13
N PHE A 978 -9.83 16.84 39.51
CA PHE A 978 -9.99 16.34 38.13
C PHE A 978 -10.85 17.36 37.36
N VAL A 979 -10.38 17.78 36.18
CA VAL A 979 -11.21 18.56 35.28
C VAL A 979 -11.23 17.88 33.90
N LEU A 980 -12.42 17.66 33.36
CA LEU A 980 -12.57 17.20 31.98
C LEU A 980 -13.41 18.21 31.20
N THR A 981 -12.91 18.62 30.03
CA THR A 981 -13.75 19.36 29.10
C THR A 981 -13.93 18.49 27.85
N CYS A 982 -15.02 18.69 27.13
CA CYS A 982 -15.19 17.97 25.89
C CYS A 982 -16.07 18.76 24.95
N SER A 983 -15.98 18.41 23.68
CA SER A 983 -16.78 19.03 22.63
C SER A 983 -17.43 17.88 21.88
N VAL A 984 -18.77 17.93 21.79
CA VAL A 984 -19.60 16.88 21.21
C VAL A 984 -20.43 17.55 20.11
N PRO A 985 -20.39 17.02 18.88
CA PRO A 985 -21.05 17.75 17.79
C PRO A 985 -22.58 17.65 17.75
N PRO A 986 -23.23 18.70 17.21
CA PRO A 986 -24.68 18.67 17.03
C PRO A 986 -25.16 17.39 16.35
N ASN A 987 -26.32 16.89 16.78
CA ASN A 987 -26.94 15.67 16.25
C ASN A 987 -26.25 14.41 16.75
N THR A 988 -25.44 14.54 17.80
CA THR A 988 -24.90 13.37 18.50
C THR A 988 -25.09 13.61 19.98
N THR A 989 -24.94 12.56 20.78
CA THR A 989 -24.98 12.68 22.24
C THR A 989 -23.75 11.99 22.83
N ALA A 990 -23.57 12.12 24.14
CA ALA A 990 -22.46 11.47 24.81
C ALA A 990 -22.88 10.88 26.14
N GLU A 991 -22.16 9.83 26.53
CA GLU A 991 -22.21 9.31 27.90
C GLU A 991 -20.84 9.56 28.51
N VAL A 992 -20.81 10.33 29.59
CA VAL A 992 -19.57 10.78 30.18
C VAL A 992 -19.40 10.11 31.54
N TRP A 993 -18.21 9.56 31.78
CA TRP A 993 -17.86 8.91 33.05
C TRP A 993 -16.77 9.72 33.72
N ILE A 994 -17.03 10.21 34.93
CA ILE A 994 -16.06 11.03 35.65
C ILE A 994 -15.68 10.34 36.95
N PRO A 995 -14.42 9.83 37.06
CA PRO A 995 -14.00 9.21 38.32
C PRO A 995 -14.18 10.16 39.49
N ALA A 996 -14.84 9.67 40.54
CA ALA A 996 -15.13 10.48 41.72
C ALA A 996 -15.20 9.65 42.98
N ASP A 997 -14.48 10.08 44.02
CA ASP A 997 -14.60 9.52 45.37
C ASP A 997 -16.06 9.59 45.83
N HIS A 998 -16.63 10.79 45.74
CA HIS A 998 -18.06 10.98 45.99
C HIS A 998 -18.77 11.40 44.68
N PRO A 999 -19.49 10.45 44.03
CA PRO A 999 -20.16 10.70 42.75
C PRO A 999 -21.07 11.93 42.67
N ASP A 1000 -22.05 12.07 43.57
CA ASP A 1000 -23.00 13.20 43.48
C ASP A 1000 -22.38 14.59 43.79
N ARG A 1001 -21.06 14.63 43.97
CA ARG A 1001 -20.36 15.90 44.24
C ARG A 1001 -19.76 16.56 42.98
N VAL A 1002 -19.75 15.84 41.86
CA VAL A 1002 -19.19 16.33 40.59
C VAL A 1002 -19.95 17.55 40.07
N GLN A 1003 -19.24 18.65 39.86
CA GLN A 1003 -19.85 19.82 39.26
C GLN A 1003 -19.86 19.63 37.74
N HIS A 1004 -20.97 19.98 37.09
CA HIS A 1004 -21.06 19.86 35.63
C HIS A 1004 -21.88 21.00 35.04
N THR A 1005 -21.35 21.63 33.99
CA THR A 1005 -22.06 22.73 33.34
C THR A 1005 -23.34 22.29 32.62
N HIS A 1006 -23.31 21.10 31.98
CA HIS A 1006 -24.45 20.57 31.22
C HIS A 1006 -24.71 19.09 31.51
N GLY A 1007 -25.87 18.59 31.08
CA GLY A 1007 -26.13 17.16 31.13
C GLY A 1007 -26.77 16.74 32.43
N THR A 1008 -27.07 15.45 32.55
CA THR A 1008 -27.83 14.88 33.67
C THR A 1008 -27.10 13.71 34.32
N PHE A 1009 -26.88 13.80 35.63
CA PHE A 1009 -26.42 12.66 36.38
C PHE A 1009 -27.45 11.55 36.19
N VAL A 1010 -27.01 10.36 35.80
CA VAL A 1010 -27.90 9.20 35.77
C VAL A 1010 -27.55 8.13 36.83
N ARG A 1011 -26.27 7.91 37.08
CA ARG A 1011 -25.86 6.86 38.03
C ARG A 1011 -24.39 6.92 38.46
N ALA A 1012 -24.11 6.25 39.58
CA ALA A 1012 -22.75 5.91 39.98
C ALA A 1012 -22.44 4.46 39.56
N GLU A 1013 -21.26 4.28 38.99
CA GLU A 1013 -20.76 2.95 38.60
C GLU A 1013 -19.22 2.99 38.58
N ASP A 1014 -18.61 1.87 38.95
CA ASP A 1014 -17.14 1.69 38.97
C ASP A 1014 -16.35 2.94 39.36
N GLY A 1015 -16.80 3.65 40.40
CA GLY A 1015 -16.05 4.77 40.95
C GLY A 1015 -16.22 6.09 40.21
N CYS A 1016 -17.20 6.14 39.31
CA CYS A 1016 -17.49 7.37 38.58
C CYS A 1016 -18.97 7.75 38.53
N ALA A 1017 -19.20 9.06 38.45
CA ALA A 1017 -20.49 9.60 38.07
C ALA A 1017 -20.65 9.41 36.57
N VAL A 1018 -21.81 8.91 36.15
CA VAL A 1018 -22.13 8.72 34.74
C VAL A 1018 -23.14 9.79 34.35
N PHE A 1019 -22.80 10.58 33.32
CA PHE A 1019 -23.68 11.63 32.84
C PHE A 1019 -24.17 11.32 31.44
N GLU A 1020 -25.38 11.80 31.11
CA GLU A 1020 -25.84 11.79 29.73
C GLU A 1020 -25.91 13.22 29.31
N VAL A 1021 -25.37 13.53 28.14
CA VAL A 1021 -25.29 14.92 27.70
C VAL A 1021 -25.54 15.00 26.17
N GLY A 1022 -26.09 16.11 25.71
CA GLY A 1022 -26.29 16.32 24.28
C GLY A 1022 -25.05 16.95 23.71
N SER A 1023 -25.20 17.59 22.55
CA SER A 1023 -24.06 18.21 21.89
C SER A 1023 -23.57 19.45 22.65
N GLY A 1024 -22.37 19.93 22.31
CA GLY A 1024 -21.86 21.19 22.86
C GLY A 1024 -20.50 21.11 23.55
N SER A 1025 -20.12 22.21 24.23
CA SER A 1025 -18.88 22.30 25.00
C SER A 1025 -19.18 22.09 26.47
N HIS A 1026 -18.70 20.99 27.02
CA HIS A 1026 -19.04 20.64 28.40
C HIS A 1026 -17.82 20.66 29.29
N ARG A 1027 -18.07 20.81 30.59
CA ARG A 1027 -17.03 20.85 31.62
C ARG A 1027 -17.48 20.06 32.82
N PHE A 1028 -16.56 19.30 33.37
CA PHE A 1028 -16.80 18.49 34.57
C PHE A 1028 -15.63 18.68 35.51
N THR A 1029 -15.92 18.93 36.78
CA THR A 1029 -14.90 19.19 37.79
C THR A 1029 -15.17 18.40 39.06
N VAL A 1030 -14.10 17.86 39.66
CA VAL A 1030 -14.16 17.18 40.97
C VAL A 1030 -13.03 17.79 41.78
N LYS A 1031 -13.37 18.52 42.85
CA LYS A 1031 -12.34 19.29 43.60
C LYS A 1031 -11.49 18.52 44.62
N LEU A 1032 -12.13 17.90 45.62
CA LEU A 1032 -11.39 17.27 46.73
C LEU A 1032 -11.56 15.75 46.80
CA CA B . 23.00 -27.34 -13.97
C TRS C . -11.02 10.67 -8.67
C1 TRS C . -10.11 11.66 -9.42
C2 TRS C . -10.31 9.94 -7.53
C3 TRS C . -11.59 9.59 -9.62
N TRS C . -12.15 11.44 -8.09
O1 TRS C . -9.09 10.92 -10.11
O2 TRS C . -9.75 10.88 -6.62
O3 TRS C . -12.20 10.17 -10.79
C TRS D . 2.93 -11.80 7.55
C1 TRS D . 2.95 -10.35 7.03
C2 TRS D . 1.80 -11.99 8.57
C3 TRS D . 4.29 -12.21 8.13
N TRS D . 2.67 -12.68 6.39
O1 TRS D . 4.15 -10.08 6.26
O2 TRS D . 0.52 -11.72 7.96
O3 TRS D . 4.65 -11.35 9.22
#